data_6I9W
#
_entry.id   6I9W
#
_cell.length_a   66.613
_cell.length_b   107.422
_cell.length_c   67.244
_cell.angle_alpha   90.000
_cell.angle_beta   90.970
_cell.angle_gamma   90.000
#
_symmetry.space_group_name_H-M   'P 1 21 1'
#
loop_
_entity.id
_entity.type
_entity.pdbx_description
1 polymer 'Putative oxidoreductase'
2 non-polymer (R,R)-2,3-BUTANEDIOL
3 non-polymer 'CHLORIDE ION'
4 water water
#
_entity_poly.entity_id   1
_entity_poly.type   'polypeptide(L)'
_entity_poly.pdbx_seq_one_letter_code
;AENRPVALITMATGYVGPALARTMADRGFDLVLHGTAGDGTMVGVEESFDSQIADLAKRGADVLTISDVDLTTRTGNQSM
IERVLERFGRLDSACLVTGLIVTGKFLDMTDDQWAKVKAGNLDMVFHGLQAVLPPMVAAGAGQCVVFTSATGGRPDPMVS
IYGGTRAGANGIVRAVGLEHARHGVQVNAIGTNYMDFPGFLKASRADGDPERRAMIEAQVPLRRLGTMDELSSVTAGLLD
GSNRFQTGQFFDFSGGWGA
;
_entity_poly.pdbx_strand_id   A,B,C,D
#
loop_
_chem_comp.id
_chem_comp.type
_chem_comp.name
_chem_comp.formula
BU3 non-polymer (R,R)-2,3-BUTANEDIOL 'C4 H10 O2'
CL non-polymer 'CHLORIDE ION' 'Cl -1'
#
# COMPACT_ATOMS: atom_id res chain seq x y z
N ALA A 1 27.11 31.29 17.75
CA ALA A 1 26.44 32.43 18.38
C ALA A 1 24.96 32.13 18.61
N GLU A 2 24.11 32.62 17.72
CA GLU A 2 22.67 32.45 17.87
C GLU A 2 22.20 31.03 17.57
N ASN A 3 23.01 30.25 16.84
CA ASN A 3 22.67 28.88 16.48
C ASN A 3 21.29 28.81 15.84
N ARG A 4 21.05 29.71 14.87
CA ARG A 4 19.79 29.71 14.15
C ARG A 4 19.83 28.64 13.06
N PRO A 5 18.87 27.72 13.04
CA PRO A 5 18.85 26.73 11.95
C PRO A 5 18.46 27.37 10.63
N VAL A 6 18.75 26.66 9.55
CA VAL A 6 18.58 27.17 8.19
C VAL A 6 17.67 26.22 7.41
N ALA A 7 16.66 26.78 6.74
CA ALA A 7 15.76 26.02 5.89
C ALA A 7 15.85 26.49 4.45
N LEU A 8 16.07 25.54 3.54
CA LEU A 8 15.98 25.76 2.10
C LEU A 8 14.57 25.43 1.62
N ILE A 9 13.99 26.31 0.81
CA ILE A 9 12.71 26.08 0.16
C ILE A 9 12.89 26.37 -1.33
N THR A 10 12.56 25.42 -2.18
CA THR A 10 12.69 25.64 -3.62
C THR A 10 11.33 25.97 -4.27
N MET A 11 11.41 26.53 -5.49
CA MET A 11 10.23 27.00 -6.21
CA MET A 11 10.24 27.02 -6.21
C MET A 11 9.40 27.93 -5.33
N ALA A 12 10.09 28.74 -4.52
CA ALA A 12 9.48 29.42 -3.38
C ALA A 12 8.73 30.68 -3.73
N THR A 13 8.70 31.07 -5.00
CA THR A 13 7.87 32.20 -5.42
C THR A 13 6.42 31.79 -5.66
N GLY A 14 6.06 30.54 -5.41
CA GLY A 14 4.69 30.08 -5.56
C GLY A 14 4.47 28.82 -4.76
N TYR A 15 3.28 28.24 -4.95
CA TYR A 15 2.89 27.00 -4.26
C TYR A 15 3.03 27.21 -2.76
N VAL A 16 3.61 26.28 -2.01
CA VAL A 16 3.66 26.37 -0.56
C VAL A 16 4.74 27.32 -0.07
N GLY A 17 5.66 27.72 -0.94
CA GLY A 17 6.86 28.41 -0.53
C GLY A 17 6.66 29.63 0.34
N PRO A 18 5.84 30.58 -0.13
CA PRO A 18 5.71 31.83 0.64
C PRO A 18 5.13 31.64 2.03
N ALA A 19 4.08 30.82 2.17
CA ALA A 19 3.51 30.56 3.48
C ALA A 19 4.45 29.75 4.35
N LEU A 20 5.15 28.78 3.76
CA LEU A 20 6.12 28.00 4.52
C LEU A 20 7.26 28.87 5.02
N ALA A 21 7.76 29.77 4.17
CA ALA A 21 8.84 30.66 4.58
C ALA A 21 8.41 31.52 5.76
N ARG A 22 7.19 32.05 5.73
CA ARG A 22 6.71 32.87 6.83
C ARG A 22 6.69 32.08 8.13
N THR A 23 6.17 30.87 8.09
CA THR A 23 6.05 30.12 9.32
CA THR A 23 6.03 30.07 9.30
C THR A 23 7.39 29.60 9.81
N MET A 24 8.31 29.24 8.90
CA MET A 24 9.64 28.82 9.33
C MET A 24 10.40 30.00 9.96
N ALA A 25 10.23 31.20 9.42
CA ALA A 25 10.83 32.37 10.04
C ALA A 25 10.27 32.58 11.44
N ASP A 26 8.94 32.39 11.59
CA ASP A 26 8.31 32.53 12.89
C ASP A 26 8.87 31.54 13.90
N ARG A 27 9.25 30.35 13.44
CA ARG A 27 9.80 29.30 14.26
C ARG A 27 11.31 29.43 14.46
N GLY A 28 11.91 30.52 13.99
CA GLY A 28 13.28 30.84 14.31
C GLY A 28 14.33 30.45 13.29
N PHE A 29 13.92 30.17 12.05
CA PHE A 29 14.84 29.74 11.01
C PHE A 29 15.32 30.91 10.15
N ASP A 30 16.58 30.83 9.72
CA ASP A 30 17.04 31.56 8.55
C ASP A 30 16.63 30.79 7.31
N LEU A 31 16.59 31.49 6.17
CA LEU A 31 15.93 30.94 5.00
C LEU A 31 16.79 31.06 3.75
N VAL A 32 16.77 30.03 2.93
CA VAL A 32 17.25 30.10 1.56
C VAL A 32 16.05 29.84 0.66
N LEU A 33 15.74 30.82 -0.19
CA LEU A 33 14.59 30.74 -1.09
C LEU A 33 15.12 30.61 -2.51
N HIS A 34 14.89 29.45 -3.11
CA HIS A 34 15.13 29.27 -4.53
C HIS A 34 13.82 29.58 -5.25
N GLY A 35 13.92 30.17 -6.44
CA GLY A 35 12.72 30.49 -7.17
C GLY A 35 12.99 31.28 -8.43
N THR A 36 11.94 31.96 -8.89
CA THR A 36 11.94 32.71 -10.15
C THR A 36 12.03 34.21 -9.86
N ALA A 37 13.01 34.88 -10.47
CA ALA A 37 13.14 36.32 -10.29
C ALA A 37 12.00 37.05 -11.01
N GLY A 38 11.69 38.24 -10.51
CA GLY A 38 10.64 39.05 -11.11
C GLY A 38 9.57 39.48 -10.11
N ASP A 39 8.78 40.49 -10.46
CA ASP A 39 7.72 40.94 -9.57
C ASP A 39 6.49 40.05 -9.74
N GLY A 40 5.45 40.35 -8.97
CA GLY A 40 4.24 39.54 -8.96
C GLY A 40 3.61 39.37 -10.33
N THR A 41 3.93 40.27 -11.27
CA THR A 41 3.40 40.21 -12.62
C THR A 41 4.25 39.31 -13.52
N MET A 42 5.07 38.44 -12.95
CA MET A 42 5.84 37.47 -13.71
C MET A 42 5.08 36.14 -13.74
N VAL A 43 5.24 35.40 -14.85
CA VAL A 43 4.57 34.12 -14.98
C VAL A 43 5.10 33.16 -13.92
N GLY A 44 4.17 32.55 -13.17
CA GLY A 44 4.52 31.60 -12.14
C GLY A 44 4.89 32.20 -10.81
N VAL A 45 5.13 33.51 -10.76
CA VAL A 45 5.48 34.18 -9.52
C VAL A 45 4.18 34.60 -8.84
N GLU A 46 3.86 33.96 -7.73
CA GLU A 46 2.72 34.37 -6.91
C GLU A 46 3.09 35.43 -5.89
N GLU A 47 4.25 35.27 -5.25
CA GLU A 47 4.82 36.29 -4.38
C GLU A 47 6.29 36.46 -4.76
N SER A 48 6.64 37.67 -5.21
CA SER A 48 8.00 37.95 -5.63
C SER A 48 8.97 37.86 -4.45
N PHE A 49 10.24 37.60 -4.77
CA PHE A 49 11.27 37.66 -3.76
C PHE A 49 11.25 39.00 -3.02
N ASP A 50 11.09 40.10 -3.76
CA ASP A 50 11.14 41.42 -3.14
C ASP A 50 10.09 41.55 -2.03
N SER A 51 8.85 41.14 -2.30
CA SER A 51 7.81 41.25 -1.29
C SER A 51 8.07 40.29 -0.13
N GLN A 52 8.52 39.07 -0.42
CA GLN A 52 8.77 38.11 0.65
C GLN A 52 9.91 38.57 1.54
N ILE A 53 11.01 39.05 0.95
CA ILE A 53 12.19 39.41 1.74
C ILE A 53 11.84 40.47 2.77
N ALA A 54 11.04 41.46 2.39
CA ALA A 54 10.71 42.54 3.32
C ALA A 54 9.98 41.99 4.53
N ASP A 55 9.00 41.12 4.31
CA ASP A 55 8.23 40.54 5.39
C ASP A 55 9.08 39.56 6.22
N LEU A 56 9.87 38.73 5.56
CA LEU A 56 10.67 37.74 6.30
C LEU A 56 11.73 38.42 7.15
N ALA A 57 12.36 39.47 6.62
CA ALA A 57 13.33 40.22 7.42
C ALA A 57 12.64 40.87 8.62
N LYS A 58 11.39 41.32 8.45
CA LYS A 58 10.65 41.89 9.57
C LYS A 58 10.44 40.87 10.68
N ARG A 59 10.35 39.58 10.33
CA ARG A 59 10.22 38.49 11.29
C ARG A 59 11.55 38.10 11.93
N GLY A 60 12.65 38.72 11.51
CA GLY A 60 13.96 38.42 12.06
C GLY A 60 14.77 37.41 11.28
N ALA A 61 14.27 36.94 10.14
CA ALA A 61 14.97 35.91 9.39
C ALA A 61 15.94 36.54 8.40
N ASP A 62 17.16 36.02 8.37
CA ASP A 62 18.08 36.29 7.27
C ASP A 62 17.64 35.44 6.08
N VAL A 63 17.74 36.01 4.88
CA VAL A 63 17.28 35.34 3.67
C VAL A 63 18.38 35.41 2.62
N LEU A 64 18.65 34.27 2.00
CA LEU A 64 19.45 34.17 0.79
C LEU A 64 18.51 33.75 -0.34
N THR A 65 18.51 34.49 -1.44
CA THR A 65 17.73 34.05 -2.59
C THR A 65 18.65 33.45 -3.65
N ILE A 66 18.10 32.46 -4.36
CA ILE A 66 18.81 31.74 -5.42
C ILE A 66 17.86 31.70 -6.61
N SER A 67 18.19 32.46 -7.66
CA SER A 67 17.29 32.69 -8.77
C SER A 67 17.82 32.07 -10.05
N ASP A 68 16.89 31.64 -10.91
CA ASP A 68 17.20 31.15 -12.24
C ASP A 68 18.39 30.18 -12.25
N VAL A 69 18.24 29.12 -11.46
CA VAL A 69 19.12 27.96 -11.50
CA VAL A 69 19.12 27.96 -11.53
C VAL A 69 18.25 26.74 -11.83
N ASP A 70 18.72 25.90 -12.74
CA ASP A 70 17.97 24.74 -13.19
C ASP A 70 18.20 23.57 -12.24
N LEU A 71 17.14 23.14 -11.56
CA LEU A 71 17.27 22.09 -10.56
C LEU A 71 17.02 20.71 -11.14
N THR A 72 16.97 20.56 -12.46
CA THR A 72 16.91 19.24 -13.05
C THR A 72 18.28 18.62 -13.24
N THR A 73 19.35 19.29 -12.84
CA THR A 73 20.71 18.82 -13.10
C THR A 73 21.53 18.78 -11.81
N ARG A 74 22.60 17.97 -11.85
CA ARG A 74 23.57 17.97 -10.76
C ARG A 74 24.13 19.37 -10.53
N THR A 75 24.57 20.05 -11.59
CA THR A 75 25.26 21.33 -11.43
C THR A 75 24.38 22.35 -10.71
N GLY A 76 23.10 22.41 -11.09
CA GLY A 76 22.21 23.39 -10.47
C GLY A 76 22.00 23.13 -8.98
N ASN A 77 21.75 21.89 -8.61
CA ASN A 77 21.52 21.58 -7.21
C ASN A 77 22.81 21.71 -6.40
N GLN A 78 23.93 21.24 -6.94
CA GLN A 78 25.19 21.37 -6.24
C GLN A 78 25.57 22.82 -6.03
N SER A 79 25.39 23.66 -7.07
CA SER A 79 25.70 25.07 -6.94
CA SER A 79 25.70 25.07 -6.94
C SER A 79 24.83 25.72 -5.88
N MET A 80 23.52 25.38 -5.87
CA MET A 80 22.61 25.91 -4.88
C MET A 80 23.10 25.63 -3.46
N ILE A 81 23.47 24.38 -3.18
CA ILE A 81 23.83 24.03 -1.81
C ILE A 81 25.19 24.62 -1.45
N GLU A 82 26.14 24.69 -2.40
CA GLU A 82 27.39 25.40 -2.13
C GLU A 82 27.12 26.82 -1.66
N ARG A 83 26.14 27.50 -2.29
CA ARG A 83 25.84 28.87 -1.92
C ARG A 83 25.16 28.95 -0.56
N VAL A 84 24.32 27.97 -0.24
CA VAL A 84 23.74 27.87 1.11
C VAL A 84 24.84 27.81 2.15
N LEU A 85 25.79 26.89 1.96
CA LEU A 85 26.82 26.67 2.97
C LEU A 85 27.79 27.84 3.05
N GLU A 86 28.08 28.50 1.92
CA GLU A 86 28.95 29.67 1.97
C GLU A 86 28.30 30.78 2.77
N ARG A 87 26.98 30.92 2.65
CA ARG A 87 26.28 32.01 3.33
C ARG A 87 26.02 31.72 4.80
N PHE A 88 25.63 30.49 5.14
CA PHE A 88 25.18 30.16 6.49
C PHE A 88 25.99 29.08 7.19
N GLY A 89 26.81 28.32 6.47
CA GLY A 89 27.63 27.28 7.08
C GLY A 89 26.89 26.05 7.54
N ARG A 90 25.60 25.92 7.24
CA ARG A 90 24.79 24.82 7.72
C ARG A 90 23.53 24.74 6.86
N LEU A 91 22.89 23.57 6.89
CA LEU A 91 21.58 23.37 6.28
C LEU A 91 20.86 22.35 7.15
N ASP A 92 19.82 22.80 7.85
CA ASP A 92 19.11 21.95 8.79
C ASP A 92 17.87 21.33 8.17
N SER A 93 17.19 22.07 7.30
CA SER A 93 15.93 21.61 6.73
C SER A 93 15.87 21.96 5.25
N ALA A 94 15.24 21.09 4.46
CA ALA A 94 15.07 21.37 3.05
C ALA A 94 13.69 20.94 2.59
N CYS A 95 13.00 21.86 1.91
CA CYS A 95 11.72 21.60 1.25
C CYS A 95 11.98 21.68 -0.25
N LEU A 96 12.09 20.51 -0.89
CA LEU A 96 12.37 20.41 -2.30
C LEU A 96 11.05 20.24 -3.05
N VAL A 97 10.59 21.30 -3.68
CA VAL A 97 9.42 21.27 -4.53
C VAL A 97 9.87 20.82 -5.91
N THR A 98 9.25 19.76 -6.42
CA THR A 98 9.68 19.16 -7.67
C THR A 98 8.48 18.92 -8.58
N GLY A 99 8.77 18.74 -9.86
CA GLY A 99 7.79 18.25 -10.79
C GLY A 99 7.60 19.05 -12.07
N LEU A 100 7.09 18.38 -13.10
CA LEU A 100 6.64 19.03 -14.32
CA LEU A 100 6.65 19.03 -14.32
C LEU A 100 5.42 18.27 -14.79
N ILE A 101 4.29 18.97 -14.90
CA ILE A 101 3.01 18.34 -15.18
C ILE A 101 2.86 18.09 -16.67
N VAL A 102 2.50 16.86 -17.01
CA VAL A 102 2.05 16.46 -18.34
C VAL A 102 0.90 15.50 -18.12
N THR A 103 -0.19 15.70 -18.83
CA THR A 103 -1.34 14.81 -18.76
C THR A 103 -1.74 14.46 -20.19
N GLY A 104 -2.55 13.42 -20.33
CA GLY A 104 -3.00 12.99 -21.63
C GLY A 104 -2.99 11.48 -21.75
N LYS A 105 -3.52 10.98 -22.86
CA LYS A 105 -3.53 9.55 -23.10
C LYS A 105 -2.10 9.02 -23.18
N PHE A 106 -1.89 7.87 -22.54
CA PHE A 106 -0.56 7.26 -22.54
C PHE A 106 -0.02 7.13 -23.96
N LEU A 107 -0.83 6.66 -24.89
CA LEU A 107 -0.33 6.41 -26.24
C LEU A 107 -0.12 7.69 -27.04
N ASP A 108 -0.54 8.84 -26.52
CA ASP A 108 -0.26 10.13 -27.15
C ASP A 108 1.05 10.75 -26.65
N MET A 109 1.66 10.20 -25.61
CA MET A 109 2.84 10.82 -25.04
C MET A 109 4.02 10.70 -25.99
N THR A 110 4.72 11.82 -26.17
CA THR A 110 5.87 11.89 -27.05
C THR A 110 7.16 11.65 -26.27
N ASP A 111 8.26 11.42 -26.99
CA ASP A 111 9.54 11.33 -26.32
C ASP A 111 9.86 12.61 -25.54
N ASP A 112 9.44 13.76 -26.07
CA ASP A 112 9.74 15.00 -25.35
C ASP A 112 8.93 15.10 -24.05
N GLN A 113 7.65 14.70 -24.09
CA GLN A 113 6.85 14.70 -22.87
C GLN A 113 7.44 13.75 -21.83
N TRP A 114 7.89 12.59 -22.29
CA TRP A 114 8.51 11.61 -21.40
C TRP A 114 9.79 12.13 -20.78
N ALA A 115 10.64 12.78 -21.59
CA ALA A 115 11.87 13.36 -21.04
C ALA A 115 11.55 14.44 -20.02
N LYS A 116 10.53 15.25 -20.33
CA LYS A 116 10.15 16.38 -19.47
C LYS A 116 9.66 15.91 -18.12
N VAL A 117 8.82 14.87 -18.09
N VAL A 117 8.78 14.90 -18.08
CA VAL A 117 8.27 14.43 -16.82
CA VAL A 117 8.27 14.44 -16.79
C VAL A 117 9.31 13.69 -16.00
C VAL A 117 9.39 13.79 -15.99
N LYS A 118 10.27 13.03 -16.65
CA LYS A 118 11.37 12.43 -15.92
C LYS A 118 12.27 13.49 -15.31
N ALA A 119 12.56 14.55 -16.07
CA ALA A 119 13.42 15.61 -15.56
C ALA A 119 12.79 16.29 -14.36
N GLY A 120 11.48 16.62 -14.43
CA GLY A 120 10.85 17.33 -13.33
C GLY A 120 10.56 16.43 -12.14
N ASN A 121 10.05 15.22 -12.40
CA ASN A 121 9.54 14.37 -11.32
C ASN A 121 10.59 13.47 -10.71
N LEU A 122 11.67 13.18 -11.42
CA LEU A 122 12.71 12.28 -10.92
C LEU A 122 14.07 12.95 -10.82
N ASP A 123 14.54 13.63 -11.88
CA ASP A 123 15.87 14.23 -11.82
C ASP A 123 15.95 15.29 -10.72
N MET A 124 14.91 16.11 -10.55
CA MET A 124 14.92 17.09 -9.47
C MET A 124 15.05 16.44 -8.11
N VAL A 125 14.47 15.26 -7.95
CA VAL A 125 14.52 14.56 -6.68
C VAL A 125 15.91 13.95 -6.47
N PHE A 126 16.43 13.26 -7.48
CA PHE A 126 17.74 12.63 -7.37
C PHE A 126 18.83 13.67 -7.10
N HIS A 127 18.92 14.70 -7.95
CA HIS A 127 19.96 15.71 -7.78
C HIS A 127 19.71 16.57 -6.54
N GLY A 128 18.44 16.85 -6.23
CA GLY A 128 18.16 17.64 -5.04
C GLY A 128 18.61 16.94 -3.77
N LEU A 129 18.27 15.66 -3.63
CA LEU A 129 18.66 14.92 -2.44
C LEU A 129 20.17 14.70 -2.39
N GLN A 130 20.82 14.45 -3.54
CA GLN A 130 22.26 14.29 -3.53
C GLN A 130 22.96 15.57 -3.07
N ALA A 131 22.33 16.73 -3.30
CA ALA A 131 22.95 17.99 -2.87
C ALA A 131 22.67 18.31 -1.41
N VAL A 132 21.43 18.09 -0.95
CA VAL A 132 21.08 18.56 0.39
C VAL A 132 21.59 17.60 1.47
N LEU A 133 21.68 16.30 1.17
CA LEU A 133 21.98 15.38 2.25
C LEU A 133 23.40 15.47 2.82
N PRO A 134 24.45 15.69 2.03
CA PRO A 134 25.80 15.65 2.60
C PRO A 134 25.99 16.57 3.79
N PRO A 135 25.56 17.85 3.75
CA PRO A 135 25.76 18.67 4.95
C PRO A 135 24.95 18.20 6.13
N MET A 136 23.77 17.62 5.89
CA MET A 136 22.95 17.08 6.98
C MET A 136 23.60 15.85 7.58
N VAL A 137 24.12 14.95 6.73
CA VAL A 137 24.86 13.78 7.21
C VAL A 137 26.07 14.23 8.01
N ALA A 138 26.79 15.25 7.53
CA ALA A 138 27.97 15.71 8.25
C ALA A 138 27.60 16.23 9.63
N ALA A 139 26.44 16.86 9.75
CA ALA A 139 26.00 17.39 11.03
C ALA A 139 25.38 16.35 11.94
N GLY A 140 24.97 15.20 11.40
CA GLY A 140 24.27 14.20 12.17
C GLY A 140 22.83 14.51 12.44
N ALA A 141 22.23 15.41 11.67
CA ALA A 141 20.83 15.77 11.87
C ALA A 141 20.36 16.56 10.66
N GLY A 142 19.12 16.31 10.25
CA GLY A 142 18.50 17.12 9.23
C GLY A 142 17.09 16.64 8.98
N GLN A 143 16.33 17.50 8.31
CA GLN A 143 14.96 17.16 7.95
C GLN A 143 14.68 17.61 6.53
N CYS A 144 14.12 16.70 5.72
CA CYS A 144 13.79 16.99 4.33
CA CYS A 144 13.80 16.96 4.34
C CYS A 144 12.37 16.56 4.02
N VAL A 145 11.68 17.41 3.26
CA VAL A 145 10.39 17.11 2.67
C VAL A 145 10.56 17.28 1.16
N VAL A 146 10.22 16.24 0.41
CA VAL A 146 10.17 16.32 -1.04
C VAL A 146 8.71 16.39 -1.43
N PHE A 147 8.33 17.43 -2.15
CA PHE A 147 6.98 17.48 -2.69
C PHE A 147 6.94 16.71 -4.00
N THR A 148 6.13 15.66 -4.03
CA THR A 148 5.87 14.87 -5.22
C THR A 148 4.45 15.20 -5.69
N SER A 149 3.51 14.26 -5.55
CA SER A 149 2.13 14.50 -5.95
C SER A 149 1.25 13.43 -5.35
N ALA A 150 0.01 13.80 -5.02
CA ALA A 150 -0.92 12.77 -4.57
C ALA A 150 -1.16 11.74 -5.66
N THR A 151 -0.95 12.11 -6.93
CA THR A 151 -1.11 11.14 -8.01
C THR A 151 -0.10 10.00 -7.88
N GLY A 152 1.03 10.21 -7.21
CA GLY A 152 1.97 9.13 -6.99
C GLY A 152 1.44 8.01 -6.13
N GLY A 153 0.45 8.30 -5.28
CA GLY A 153 -0.18 7.27 -4.49
C GLY A 153 -1.27 6.51 -5.20
N ARG A 154 -1.70 7.01 -6.36
CA ARG A 154 -2.75 6.36 -7.13
C ARG A 154 -2.64 6.79 -8.59
N PRO A 155 -1.60 6.37 -9.31
CA PRO A 155 -1.45 6.81 -10.71
C PRO A 155 -2.59 6.29 -11.55
N ASP A 156 -3.32 7.24 -12.18
CA ASP A 156 -4.60 6.95 -12.82
C ASP A 156 -4.56 7.17 -14.33
N PRO A 157 -5.56 6.69 -15.05
CA PRO A 157 -5.68 7.02 -16.48
C PRO A 157 -5.60 8.53 -16.70
N MET A 158 -4.94 8.92 -17.81
CA MET A 158 -4.72 10.28 -18.27
C MET A 158 -3.56 10.93 -17.52
N VAL A 159 -3.02 10.28 -16.49
CA VAL A 159 -1.87 10.84 -15.78
CA VAL A 159 -1.94 10.78 -15.67
C VAL A 159 -0.86 9.71 -15.58
N SER A 160 -0.71 8.87 -16.60
CA SER A 160 0.12 7.69 -16.47
C SER A 160 1.58 8.04 -16.20
N ILE A 161 2.22 8.83 -17.08
CA ILE A 161 3.65 9.03 -16.92
C ILE A 161 3.95 10.03 -15.81
N TYR A 162 3.07 11.01 -15.59
CA TYR A 162 3.23 11.92 -14.45
C TYR A 162 3.05 11.17 -13.14
N GLY A 163 1.89 10.53 -12.94
CA GLY A 163 1.64 9.83 -11.69
C GLY A 163 2.63 8.71 -11.43
N GLY A 164 2.95 7.95 -12.48
CA GLY A 164 3.89 6.87 -12.35
C GLY A 164 5.28 7.34 -11.93
N THR A 165 5.80 8.37 -12.58
CA THR A 165 7.11 8.86 -12.17
C THR A 165 7.05 9.47 -10.77
N ARG A 166 5.91 10.08 -10.39
CA ARG A 166 5.73 10.54 -9.01
C ARG A 166 5.80 9.38 -8.03
N ALA A 167 5.22 8.23 -8.39
CA ALA A 167 5.33 7.04 -7.54
C ALA A 167 6.78 6.62 -7.40
N GLY A 168 7.56 6.77 -8.47
CA GLY A 168 8.98 6.49 -8.41
C GLY A 168 9.72 7.43 -7.48
N ALA A 169 9.34 8.71 -7.51
CA ALA A 169 9.95 9.67 -6.57
C ALA A 169 9.64 9.29 -5.13
N ASN A 170 8.38 8.90 -4.85
CA ASN A 170 8.03 8.44 -3.52
C ASN A 170 8.88 7.24 -3.12
N GLY A 171 9.14 6.33 -4.05
CA GLY A 171 9.94 5.17 -3.75
C GLY A 171 11.39 5.52 -3.45
N ILE A 172 11.97 6.43 -4.22
CA ILE A 172 13.31 6.93 -3.92
C ILE A 172 13.33 7.53 -2.52
N VAL A 173 12.31 8.32 -2.17
CA VAL A 173 12.28 8.95 -0.86
C VAL A 173 12.21 7.90 0.25
N ARG A 174 11.44 6.82 0.03
CA ARG A 174 11.38 5.77 1.03
C ARG A 174 12.77 5.20 1.27
N ALA A 175 13.44 4.79 0.20
CA ALA A 175 14.75 4.17 0.35
C ALA A 175 15.75 5.15 0.98
N VAL A 176 15.74 6.40 0.51
CA VAL A 176 16.71 7.38 0.99
C VAL A 176 16.44 7.75 2.44
N GLY A 177 15.16 7.90 2.82
CA GLY A 177 14.85 8.15 4.22
C GLY A 177 15.29 7.02 5.13
N LEU A 178 15.05 5.77 4.70
CA LEU A 178 15.52 4.65 5.51
C LEU A 178 17.04 4.58 5.55
N GLU A 179 17.71 4.94 4.45
CA GLU A 179 19.15 4.75 4.35
C GLU A 179 19.93 5.77 5.17
N HIS A 180 19.37 6.96 5.38
CA HIS A 180 20.07 8.00 6.13
C HIS A 180 19.49 8.20 7.52
N ALA A 181 18.59 7.30 7.95
CA ALA A 181 18.08 7.36 9.31
C ALA A 181 19.19 7.20 10.33
N ARG A 182 20.22 6.40 10.03
CA ARG A 182 21.33 6.26 10.95
C ARG A 182 22.07 7.56 11.18
N HIS A 183 21.96 8.51 10.26
CA HIS A 183 22.63 9.80 10.36
C HIS A 183 21.71 10.89 10.93
N GLY A 184 20.51 10.49 11.40
CA GLY A 184 19.58 11.43 12.00
C GLY A 184 18.91 12.34 11.00
N VAL A 185 18.87 11.95 9.74
CA VAL A 185 18.37 12.80 8.67
C VAL A 185 17.07 12.22 8.15
N GLN A 186 15.96 12.89 8.48
CA GLN A 186 14.66 12.47 7.98
C GLN A 186 14.46 12.90 6.55
N VAL A 187 13.86 12.01 5.75
CA VAL A 187 13.48 12.36 4.38
C VAL A 187 12.07 11.81 4.17
N ASN A 188 11.10 12.69 3.95
CA ASN A 188 9.71 12.31 3.74
C ASN A 188 9.19 13.00 2.50
N ALA A 189 8.10 12.47 1.96
CA ALA A 189 7.46 13.05 0.78
C ALA A 189 6.04 13.47 1.14
N ILE A 190 5.62 14.61 0.60
CA ILE A 190 4.22 15.02 0.65
C ILE A 190 3.72 15.10 -0.78
N GLY A 191 2.56 14.54 -1.03
CA GLY A 191 1.97 14.62 -2.35
C GLY A 191 0.61 15.28 -2.28
N THR A 192 0.44 16.41 -2.95
CA THR A 192 -0.83 17.12 -2.90
C THR A 192 -1.62 16.93 -4.21
N ASN A 193 -2.89 17.29 -4.13
CA ASN A 193 -3.78 17.47 -5.28
C ASN A 193 -4.90 18.38 -4.79
N TYR A 194 -5.61 19.01 -5.73
CA TYR A 194 -6.77 19.85 -5.39
C TYR A 194 -6.41 20.96 -4.40
N MET A 195 -5.23 21.56 -4.60
CA MET A 195 -4.81 22.71 -3.84
C MET A 195 -5.22 24.01 -4.53
N ASP A 196 -5.61 24.99 -3.71
CA ASP A 196 -6.06 26.29 -4.21
C ASP A 196 -4.83 27.16 -4.47
N PHE A 197 -4.26 26.98 -5.65
CA PHE A 197 -3.21 27.84 -6.17
C PHE A 197 -3.24 27.74 -7.68
N PRO A 198 -2.63 28.70 -8.39
CA PRO A 198 -2.80 28.76 -9.85
C PRO A 198 -2.42 27.48 -10.58
N GLY A 199 -1.31 26.84 -10.21
CA GLY A 199 -0.84 25.68 -10.95
C GLY A 199 -1.88 24.59 -11.06
N PHE A 200 -2.60 24.32 -9.96
CA PHE A 200 -3.64 23.30 -10.03
C PHE A 200 -4.84 23.80 -10.81
N LEU A 201 -5.24 25.05 -10.58
CA LEU A 201 -6.39 25.60 -11.25
C LEU A 201 -6.21 25.58 -12.76
N LYS A 202 -4.97 25.73 -13.24
CA LYS A 202 -4.71 25.67 -14.67
C LYS A 202 -4.76 24.24 -15.19
N ALA A 203 -4.05 23.32 -14.53
CA ALA A 203 -4.06 21.93 -14.96
C ALA A 203 -5.45 21.34 -14.90
N SER A 204 -6.27 21.79 -13.95
CA SER A 204 -7.66 21.35 -13.84
C SER A 204 -8.62 22.19 -14.66
N ARG A 205 -8.21 23.39 -15.06
CA ARG A 205 -9.02 24.27 -15.90
C ARG A 205 -10.20 24.85 -15.13
N ALA A 206 -10.01 25.13 -13.85
CA ALA A 206 -11.07 25.63 -12.99
C ALA A 206 -10.96 27.13 -12.70
N ASP A 207 -9.97 27.80 -13.26
CA ASP A 207 -9.75 29.22 -12.94
C ASP A 207 -10.76 30.09 -13.65
N GLY A 208 -11.39 31.01 -12.89
CA GLY A 208 -12.40 31.88 -13.44
C GLY A 208 -13.66 31.18 -13.91
N ASP A 209 -13.86 29.93 -13.50
CA ASP A 209 -14.99 29.11 -13.95
C ASP A 209 -15.61 28.50 -12.70
N PRO A 210 -16.54 29.20 -12.05
CA PRO A 210 -17.09 28.66 -10.79
C PRO A 210 -17.77 27.31 -10.95
N GLU A 211 -18.39 27.04 -12.11
CA GLU A 211 -19.05 25.75 -12.31
C GLU A 211 -18.01 24.63 -12.40
N ARG A 212 -16.97 24.82 -13.22
CA ARG A 212 -15.91 23.81 -13.30
C ARG A 212 -15.23 23.65 -11.95
N ARG A 213 -14.92 24.76 -11.28
CA ARG A 213 -14.33 24.67 -9.96
C ARG A 213 -15.22 23.90 -9.00
N ALA A 214 -16.54 24.13 -9.08
CA ALA A 214 -17.45 23.40 -8.20
C ALA A 214 -17.46 21.92 -8.54
N MET A 215 -17.40 21.58 -9.82
CA MET A 215 -17.28 20.17 -10.22
C MET A 215 -16.01 19.55 -9.66
N ILE A 216 -14.90 20.30 -9.74
CA ILE A 216 -13.62 19.81 -9.24
C ILE A 216 -13.68 19.59 -7.74
N GLU A 217 -14.24 20.56 -7.00
CA GLU A 217 -14.34 20.44 -5.55
C GLU A 217 -15.16 19.23 -5.15
N ALA A 218 -16.18 18.90 -5.94
CA ALA A 218 -17.04 17.76 -5.67
C ALA A 218 -16.31 16.43 -5.80
N GLN A 219 -15.14 16.40 -6.45
CA GLN A 219 -14.33 15.19 -6.51
C GLN A 219 -13.53 14.95 -5.24
N VAL A 220 -13.52 15.91 -4.34
CA VAL A 220 -12.72 15.85 -3.11
C VAL A 220 -13.64 15.37 -1.99
N PRO A 221 -13.25 14.36 -1.21
CA PRO A 221 -14.14 13.94 -0.11
C PRO A 221 -14.53 15.09 0.80
N LEU A 222 -13.58 15.95 1.18
CA LEU A 222 -13.87 17.10 2.03
C LEU A 222 -14.47 18.28 1.27
N ARG A 223 -14.73 18.14 -0.04
CA ARG A 223 -15.61 19.03 -0.81
C ARG A 223 -15.07 20.45 -0.96
N ARG A 224 -13.76 20.62 -0.92
CA ARG A 224 -13.10 21.92 -0.97
CA ARG A 224 -13.18 21.93 -1.18
C ARG A 224 -11.73 21.74 -1.59
N LEU A 225 -11.12 22.85 -1.99
CA LEU A 225 -9.70 22.84 -2.32
C LEU A 225 -8.89 23.20 -1.07
N GLY A 226 -7.70 22.61 -0.96
CA GLY A 226 -6.88 22.86 0.21
C GLY A 226 -6.14 24.18 0.13
N THR A 227 -5.77 24.71 1.29
CA THR A 227 -5.10 26.01 1.32
C THR A 227 -3.62 25.90 1.66
N MET A 228 -2.85 26.87 1.19
CA MET A 228 -1.42 26.88 1.48
C MET A 228 -1.14 27.08 2.95
N ASP A 229 -2.03 27.75 3.69
CA ASP A 229 -1.82 27.87 5.13
C ASP A 229 -1.91 26.50 5.80
N GLU A 230 -2.86 25.67 5.39
CA GLU A 230 -2.93 24.32 5.93
C GLU A 230 -1.72 23.50 5.53
N LEU A 231 -1.35 23.57 4.25
CA LEU A 231 -0.22 22.78 3.77
C LEU A 231 1.08 23.22 4.44
N SER A 232 1.27 24.52 4.60
CA SER A 232 2.50 24.99 5.21
C SER A 232 2.60 24.55 6.67
N SER A 233 1.46 24.47 7.36
CA SER A 233 1.48 23.98 8.75
C SER A 233 1.97 22.54 8.81
N VAL A 234 1.43 21.68 7.96
CA VAL A 234 1.84 20.28 7.95
C VAL A 234 3.31 20.16 7.57
N THR A 235 3.73 20.92 6.55
CA THR A 235 5.09 20.83 6.04
C THR A 235 6.08 21.30 7.08
N ALA A 236 5.79 22.45 7.72
CA ALA A 236 6.67 22.97 8.76
C ALA A 236 6.84 21.99 9.90
N GLY A 237 5.77 21.25 10.22
CA GLY A 237 5.84 20.25 11.27
C GLY A 237 6.82 19.12 11.00
N LEU A 238 7.18 18.92 9.74
CA LEU A 238 8.19 17.93 9.35
C LEU A 238 9.57 18.56 9.13
N LEU A 239 9.72 19.86 9.40
CA LEU A 239 10.94 20.58 9.12
C LEU A 239 11.44 21.43 10.28
N ASP A 240 10.70 21.48 11.39
CA ASP A 240 11.00 22.45 12.44
C ASP A 240 11.57 21.81 13.70
N GLY A 241 11.95 20.53 13.63
CA GLY A 241 12.56 19.85 14.76
C GLY A 241 11.60 19.30 15.79
N SER A 242 10.29 19.57 15.65
CA SER A 242 9.30 19.14 16.61
C SER A 242 8.98 17.66 16.52
N ASN A 243 9.24 17.05 15.37
CA ASN A 243 8.87 15.66 15.11
C ASN A 243 10.05 15.04 14.38
N ARG A 244 10.85 14.25 15.10
CA ARG A 244 11.99 13.58 14.53
C ARG A 244 11.80 12.07 14.46
N PHE A 245 10.55 11.60 14.34
CA PHE A 245 10.28 10.17 14.44
C PHE A 245 9.50 9.61 13.26
N GLN A 246 9.49 10.33 12.12
CA GLN A 246 8.94 9.81 10.86
C GLN A 246 10.00 9.99 9.78
N THR A 247 10.23 8.93 8.99
CA THR A 247 11.15 9.04 7.88
C THR A 247 10.85 7.96 6.85
N GLY A 248 11.21 8.23 5.60
CA GLY A 248 10.94 7.34 4.49
C GLY A 248 9.48 7.22 4.12
N GLN A 249 8.66 8.18 4.54
CA GLN A 249 7.21 8.05 4.45
C GLN A 249 6.66 9.00 3.40
N PHE A 250 5.46 8.66 2.93
CA PHE A 250 4.72 9.46 1.96
C PHE A 250 3.39 9.86 2.57
N PHE A 251 3.09 11.16 2.52
CA PHE A 251 1.88 11.71 3.11
C PHE A 251 1.02 12.32 2.02
N ASP A 252 -0.19 11.78 1.87
CA ASP A 252 -1.18 12.30 0.96
C ASP A 252 -1.84 13.53 1.59
N PHE A 253 -2.00 14.56 0.78
CA PHE A 253 -2.59 15.83 1.21
C PHE A 253 -3.49 16.32 0.07
N SER A 254 -4.72 15.78 0.03
CA SER A 254 -5.61 15.97 -1.09
C SER A 254 -7.08 15.86 -0.66
N GLY A 255 -7.36 16.20 0.59
CA GLY A 255 -8.75 16.25 1.03
C GLY A 255 -9.40 14.91 1.19
N GLY A 256 -8.60 13.85 1.29
CA GLY A 256 -9.06 12.47 1.28
C GLY A 256 -9.00 11.79 -0.06
N TRP A 257 -8.66 12.52 -1.13
CA TRP A 257 -8.73 11.95 -2.47
C TRP A 257 -7.78 10.77 -2.61
N GLY A 258 -6.63 10.83 -1.96
CA GLY A 258 -5.65 9.76 -1.99
C GLY A 258 -5.70 8.81 -0.83
N ALA A 259 -6.76 8.83 -0.03
CA ALA A 259 -6.90 7.90 1.07
C ALA A 259 -7.09 6.48 0.58
N ALA B 1 -6.15 -19.05 -40.67
CA ALA B 1 -7.42 -19.63 -40.25
C ALA B 1 -7.27 -20.38 -38.92
N GLU B 2 -6.03 -20.72 -38.57
CA GLU B 2 -5.78 -21.47 -37.34
C GLU B 2 -6.03 -20.62 -36.10
N ASN B 3 -6.03 -19.29 -36.24
CA ASN B 3 -6.39 -18.38 -35.16
C ASN B 3 -5.56 -18.65 -33.90
N ARG B 4 -4.27 -18.90 -34.11
CA ARG B 4 -3.39 -19.14 -32.98
C ARG B 4 -2.95 -17.81 -32.39
N PRO B 5 -3.10 -17.61 -31.08
CA PRO B 5 -2.61 -16.36 -30.47
C PRO B 5 -1.09 -16.31 -30.44
N VAL B 6 -0.57 -15.09 -30.33
CA VAL B 6 0.86 -14.81 -30.42
C VAL B 6 1.31 -14.15 -29.14
N ALA B 7 2.41 -14.66 -28.56
CA ALA B 7 2.99 -14.09 -27.35
C ALA B 7 4.41 -13.63 -27.63
N LEU B 8 4.70 -12.37 -27.27
CA LEU B 8 6.04 -11.83 -27.28
C LEU B 8 6.66 -11.98 -25.89
N ILE B 9 7.90 -12.42 -25.82
CA ILE B 9 8.66 -12.53 -24.59
C ILE B 9 10.01 -11.89 -24.85
N THR B 10 10.39 -10.89 -24.04
CA THR B 10 11.68 -10.25 -24.22
C THR B 10 12.71 -10.74 -23.21
N MET B 11 13.98 -10.43 -23.50
CA MET B 11 15.11 -10.94 -22.72
CA MET B 11 15.12 -10.94 -22.74
C MET B 11 14.99 -12.46 -22.57
N ALA B 12 14.52 -13.11 -23.63
CA ALA B 12 14.05 -14.49 -23.51
C ALA B 12 15.14 -15.54 -23.56
N THR B 13 16.40 -15.17 -23.69
CA THR B 13 17.49 -16.13 -23.56
C THR B 13 17.89 -16.38 -22.11
N GLY B 14 17.18 -15.80 -21.16
CA GLY B 14 17.42 -16.06 -19.75
C GLY B 14 16.24 -15.69 -18.90
N TYR B 15 16.45 -15.74 -17.59
CA TYR B 15 15.40 -15.42 -16.60
C TYR B 15 14.19 -16.32 -16.89
N VAL B 16 12.98 -15.77 -16.89
CA VAL B 16 11.75 -16.56 -17.02
C VAL B 16 11.50 -16.98 -18.46
N GLY B 17 12.17 -16.36 -19.42
CA GLY B 17 11.84 -16.49 -20.82
C GLY B 17 11.72 -17.91 -21.33
N PRO B 18 12.76 -18.73 -21.13
CA PRO B 18 12.73 -20.08 -21.72
C PRO B 18 11.60 -20.95 -21.19
N ALA B 19 11.38 -20.95 -19.88
CA ALA B 19 10.31 -21.76 -19.31
C ALA B 19 8.94 -21.20 -19.69
N LEU B 20 8.81 -19.88 -19.76
CA LEU B 20 7.54 -19.29 -20.17
C LEU B 20 7.22 -19.63 -21.62
N ALA B 21 8.22 -19.54 -22.50
CA ALA B 21 7.99 -19.89 -23.90
C ALA B 21 7.50 -21.32 -24.03
N ARG B 22 8.13 -22.25 -23.31
CA ARG B 22 7.71 -23.65 -23.37
C ARG B 22 6.25 -23.80 -22.97
N THR B 23 5.85 -23.19 -21.86
CA THR B 23 4.47 -23.41 -21.44
C THR B 23 3.48 -22.63 -22.30
N MET B 24 3.87 -21.46 -22.82
CA MET B 24 2.96 -20.77 -23.75
C MET B 24 2.78 -21.58 -25.03
N ALA B 25 3.85 -22.21 -25.51
CA ALA B 25 3.72 -23.12 -26.65
C ALA B 25 2.77 -24.28 -26.31
N ASP B 26 2.92 -24.87 -25.11
CA ASP B 26 2.03 -25.95 -24.70
C ASP B 26 0.58 -25.49 -24.72
N ARG B 27 0.34 -24.21 -24.44
CA ARG B 27 -0.99 -23.63 -24.37
C ARG B 27 -1.50 -23.14 -25.72
N GLY B 28 -0.77 -23.43 -26.80
CA GLY B 28 -1.28 -23.18 -28.14
C GLY B 28 -0.84 -21.86 -28.76
N PHE B 29 0.15 -21.20 -28.20
CA PHE B 29 0.61 -19.92 -28.72
C PHE B 29 1.75 -20.09 -29.72
N ASP B 30 1.78 -19.21 -30.70
CA ASP B 30 2.97 -18.87 -31.45
C ASP B 30 3.77 -17.85 -30.67
N LEU B 31 5.07 -17.78 -30.96
CA LEU B 31 5.97 -17.07 -30.08
C LEU B 31 6.87 -16.11 -30.83
N VAL B 32 7.13 -14.97 -30.20
CA VAL B 32 8.18 -14.08 -30.61
C VAL B 32 9.14 -13.95 -29.43
N LEU B 33 10.39 -14.34 -29.65
CA LEU B 33 11.41 -14.29 -28.61
C LEU B 33 12.39 -13.18 -28.95
N HIS B 34 12.40 -12.14 -28.13
CA HIS B 34 13.47 -11.16 -28.19
C HIS B 34 14.57 -11.59 -27.21
N GLY B 35 15.82 -11.41 -27.61
CA GLY B 35 16.90 -11.74 -26.71
C GLY B 35 18.24 -11.45 -27.33
N THR B 36 19.25 -12.11 -26.79
CA THR B 36 20.62 -11.92 -27.23
CA THR B 36 20.63 -11.93 -27.22
C THR B 36 21.04 -13.11 -28.09
N ALA B 37 21.64 -12.80 -29.25
CA ALA B 37 22.10 -13.84 -30.15
C ALA B 37 23.32 -14.56 -29.59
N GLY B 38 23.57 -15.75 -30.11
CA GLY B 38 24.72 -16.53 -29.73
C GLY B 38 24.33 -17.83 -29.04
N ASP B 39 25.34 -18.68 -28.86
CA ASP B 39 25.13 -19.99 -28.26
C ASP B 39 25.23 -19.89 -26.74
N GLY B 40 25.11 -21.04 -26.07
CA GLY B 40 25.05 -21.06 -24.62
C GLY B 40 26.23 -20.44 -23.92
N THR B 41 27.37 -20.33 -24.60
CA THR B 41 28.56 -19.74 -23.99
C THR B 41 28.48 -18.21 -23.91
N MET B 42 27.66 -17.59 -24.76
CA MET B 42 27.49 -16.14 -24.73
C MET B 42 27.08 -15.67 -23.34
N VAL B 43 27.53 -14.46 -22.98
CA VAL B 43 27.25 -13.92 -21.66
C VAL B 43 25.77 -13.55 -21.55
N GLY B 44 25.16 -13.88 -20.42
CA GLY B 44 23.75 -13.63 -20.21
C GLY B 44 22.82 -14.61 -20.88
N VAL B 45 23.33 -15.42 -21.80
CA VAL B 45 22.51 -16.42 -22.49
C VAL B 45 22.50 -17.68 -21.63
N GLU B 46 21.33 -18.02 -21.09
CA GLU B 46 21.14 -19.26 -20.35
C GLU B 46 20.69 -20.39 -21.27
N GLU B 47 19.76 -20.09 -22.17
CA GLU B 47 19.32 -21.00 -23.22
C GLU B 47 19.35 -20.24 -24.54
N SER B 48 20.15 -20.73 -25.49
CA SER B 48 20.28 -20.06 -26.77
C SER B 48 18.98 -20.16 -27.57
N PHE B 49 18.81 -19.23 -28.52
CA PHE B 49 17.68 -19.31 -29.43
C PHE B 49 17.70 -20.63 -30.21
N ASP B 50 18.88 -21.08 -30.64
CA ASP B 50 18.94 -22.31 -31.44
C ASP B 50 18.38 -23.49 -30.65
N SER B 51 18.74 -23.61 -29.37
CA SER B 51 18.21 -24.69 -28.56
C SER B 51 16.71 -24.51 -28.31
N GLN B 52 16.29 -23.30 -27.98
CA GLN B 52 14.89 -23.07 -27.70
C GLN B 52 14.01 -23.31 -28.92
N ILE B 53 14.43 -22.79 -30.08
CA ILE B 53 13.63 -22.95 -31.29
C ILE B 53 13.37 -24.42 -31.57
N ALA B 54 14.39 -25.27 -31.44
CA ALA B 54 14.19 -26.68 -31.75
C ALA B 54 13.13 -27.30 -30.85
N ASP B 55 13.16 -26.97 -29.55
CA ASP B 55 12.18 -27.53 -28.64
C ASP B 55 10.80 -26.92 -28.84
N LEU B 56 10.73 -25.60 -29.04
CA LEU B 56 9.44 -24.94 -29.24
C LEU B 56 8.78 -25.38 -30.54
N ALA B 57 9.57 -25.51 -31.61
CA ALA B 57 9.01 -26.03 -32.86
C ALA B 57 8.50 -27.46 -32.67
N LYS B 58 9.20 -28.26 -31.87
CA LYS B 58 8.73 -29.60 -31.58
C LYS B 58 7.36 -29.58 -30.93
N ARG B 59 7.06 -28.56 -30.12
CA ARG B 59 5.76 -28.39 -29.50
C ARG B 59 4.70 -27.85 -30.44
N GLY B 60 5.04 -27.53 -31.68
CA GLY B 60 4.09 -27.00 -32.64
C GLY B 60 4.03 -25.50 -32.72
N ALA B 61 4.84 -24.79 -31.95
CA ALA B 61 4.85 -23.34 -32.01
C ALA B 61 5.63 -22.86 -33.23
N ASP B 62 5.08 -21.86 -33.91
CA ASP B 62 5.90 -21.04 -34.79
C ASP B 62 6.66 -20.03 -33.94
N VAL B 63 7.92 -19.81 -34.27
CA VAL B 63 8.78 -18.93 -33.49
C VAL B 63 9.47 -17.91 -34.39
N LEU B 64 9.37 -16.65 -34.01
CA LEU B 64 10.17 -15.57 -34.58
C LEU B 64 11.15 -15.12 -33.50
N THR B 65 12.43 -15.06 -33.85
CA THR B 65 13.41 -14.50 -32.94
C THR B 65 13.81 -13.10 -33.39
N ILE B 66 14.08 -12.24 -32.41
CA ILE B 66 14.49 -10.85 -32.62
C ILE B 66 15.68 -10.57 -31.70
N SER B 67 16.82 -10.22 -32.28
CA SER B 67 17.99 -9.91 -31.46
C SER B 67 18.59 -8.57 -31.83
N ASP B 68 19.40 -8.05 -30.92
CA ASP B 68 20.12 -6.79 -31.11
C ASP B 68 19.18 -5.65 -31.50
N VAL B 69 18.08 -5.52 -30.75
CA VAL B 69 17.31 -4.29 -30.72
C VAL B 69 17.48 -3.70 -29.32
N ASP B 70 17.70 -2.39 -29.27
CA ASP B 70 17.86 -1.69 -27.99
C ASP B 70 16.47 -1.36 -27.48
N LEU B 71 16.02 -2.10 -26.48
CA LEU B 71 14.68 -1.88 -25.97
C LEU B 71 14.59 -0.75 -24.95
N THR B 72 15.66 0.02 -24.75
CA THR B 72 15.54 1.25 -23.98
C THR B 72 15.08 2.42 -24.85
N THR B 73 14.78 2.19 -26.12
CA THR B 73 14.46 3.26 -27.05
C THR B 73 13.14 3.00 -27.77
N ARG B 74 12.56 4.09 -28.28
CA ARG B 74 11.39 3.97 -29.15
C ARG B 74 11.73 3.16 -30.39
N THR B 75 12.88 3.43 -31.01
CA THR B 75 13.27 2.76 -32.26
C THR B 75 13.32 1.25 -32.08
N GLY B 76 13.96 0.78 -31.01
CA GLY B 76 14.07 -0.65 -30.79
C GLY B 76 12.71 -1.31 -30.57
N ASN B 77 11.88 -0.70 -29.73
CA ASN B 77 10.59 -1.31 -29.43
C ASN B 77 9.65 -1.23 -30.63
N GLN B 78 9.67 -0.13 -31.36
CA GLN B 78 8.83 -0.01 -32.55
C GLN B 78 9.25 -1.03 -33.60
N SER B 79 10.56 -1.17 -33.84
CA SER B 79 11.05 -2.18 -34.77
C SER B 79 10.61 -3.58 -34.37
N MET B 80 10.71 -3.89 -33.07
CA MET B 80 10.33 -5.20 -32.58
C MET B 80 8.87 -5.50 -32.91
N ILE B 81 7.96 -4.57 -32.60
CA ILE B 81 6.55 -4.88 -32.82
C ILE B 81 6.23 -4.86 -34.32
N GLU B 82 6.88 -4.01 -35.12
CA GLU B 82 6.68 -4.09 -36.56
C GLU B 82 7.05 -5.47 -37.08
N ARG B 83 8.12 -6.08 -36.56
CA ARG B 83 8.52 -7.41 -37.02
CA ARG B 83 8.51 -7.40 -37.02
C ARG B 83 7.54 -8.47 -36.54
N VAL B 84 6.99 -8.31 -35.33
CA VAL B 84 5.95 -9.21 -34.85
C VAL B 84 4.77 -9.22 -35.81
N LEU B 85 4.27 -8.02 -36.13
CA LEU B 85 3.06 -7.92 -36.94
C LEU B 85 3.31 -8.34 -38.37
N GLU B 86 4.51 -8.08 -38.91
CA GLU B 86 4.86 -8.58 -40.22
C GLU B 86 4.77 -10.10 -40.29
N ARG B 87 5.29 -10.79 -39.27
CA ARG B 87 5.32 -12.25 -39.28
CA ARG B 87 5.33 -12.25 -39.29
C ARG B 87 3.95 -12.85 -39.04
N PHE B 88 3.22 -12.31 -38.07
CA PHE B 88 2.03 -12.96 -37.54
C PHE B 88 0.73 -12.17 -37.68
N GLY B 89 0.79 -10.87 -37.93
CA GLY B 89 -0.40 -10.06 -38.13
C GLY B 89 -1.20 -9.77 -36.88
N ARG B 90 -0.70 -10.13 -35.70
CA ARG B 90 -1.43 -9.97 -34.45
C ARG B 90 -0.43 -10.04 -33.30
N LEU B 91 -0.84 -9.49 -32.16
CA LEU B 91 -0.09 -9.66 -30.92
C LEU B 91 -1.09 -9.77 -29.78
N ASP B 92 -1.15 -10.93 -29.14
CA ASP B 92 -2.16 -11.19 -28.13
C ASP B 92 -1.63 -11.03 -26.71
N SER B 93 -0.37 -11.41 -26.49
CA SER B 93 0.24 -11.36 -25.19
C SER B 93 1.66 -10.82 -25.29
N ALA B 94 2.07 -10.08 -24.27
CA ALA B 94 3.43 -9.59 -24.21
C ALA B 94 3.95 -9.69 -22.79
N CYS B 95 5.11 -10.31 -22.66
CA CYS B 95 5.87 -10.39 -21.43
C CYS B 95 7.12 -9.53 -21.63
N LEU B 96 7.09 -8.32 -21.08
CA LEU B 96 8.17 -7.34 -21.21
C LEU B 96 9.07 -7.44 -19.99
N VAL B 97 10.22 -8.08 -20.16
CA VAL B 97 11.21 -8.17 -19.09
C VAL B 97 12.07 -6.92 -19.17
N THR B 98 12.14 -6.18 -18.07
CA THR B 98 12.79 -4.88 -18.08
C THR B 98 13.80 -4.81 -16.94
N GLY B 99 14.72 -3.84 -17.07
CA GLY B 99 15.54 -3.44 -15.96
C GLY B 99 17.04 -3.45 -16.19
N LEU B 100 17.74 -2.66 -15.39
CA LEU B 100 19.21 -2.66 -15.35
CA LEU B 100 19.20 -2.65 -15.35
C LEU B 100 19.59 -2.47 -13.89
N ILE B 101 20.30 -3.45 -13.34
CA ILE B 101 20.58 -3.46 -11.91
C ILE B 101 21.73 -2.51 -11.57
N VAL B 102 21.48 -1.62 -10.63
CA VAL B 102 22.49 -0.77 -10.02
C VAL B 102 22.22 -0.80 -8.52
N THR B 103 23.26 -1.04 -7.73
CA THR B 103 23.12 -0.98 -6.29
C THR B 103 24.27 -0.17 -5.72
N GLY B 104 24.09 0.26 -4.46
CA GLY B 104 25.12 1.01 -3.76
C GLY B 104 24.52 2.13 -2.94
N LYS B 105 25.36 2.85 -2.20
CA LYS B 105 24.87 3.96 -1.40
C LYS B 105 24.29 5.04 -2.31
N PHE B 106 23.16 5.61 -1.90
CA PHE B 106 22.54 6.67 -2.68
C PHE B 106 23.53 7.78 -3.03
N LEU B 107 24.33 8.22 -2.06
CA LEU B 107 25.21 9.35 -2.29
C LEU B 107 26.44 8.99 -3.13
N ASP B 108 26.64 7.70 -3.43
CA ASP B 108 27.69 7.26 -4.32
C ASP B 108 27.23 7.17 -5.77
N MET B 109 25.93 7.31 -6.03
CA MET B 109 25.42 7.10 -7.38
C MET B 109 25.87 8.23 -8.28
N THR B 110 26.36 7.89 -9.47
CA THR B 110 26.82 8.86 -10.44
C THR B 110 25.69 9.15 -11.43
N ASP B 111 25.91 10.20 -12.24
CA ASP B 111 24.95 10.49 -13.30
C ASP B 111 24.80 9.32 -14.27
N ASP B 112 25.90 8.61 -14.53
CA ASP B 112 25.83 7.48 -15.45
C ASP B 112 24.99 6.34 -14.87
N GLN B 113 25.16 6.06 -13.58
CA GLN B 113 24.33 5.04 -12.94
C GLN B 113 22.87 5.45 -12.94
N TRP B 114 22.59 6.71 -12.65
CA TRP B 114 21.23 7.23 -12.69
C TRP B 114 20.63 7.11 -14.09
N ALA B 115 21.40 7.49 -15.11
CA ALA B 115 20.93 7.35 -16.48
C ALA B 115 20.63 5.89 -16.81
N LYS B 116 21.50 4.98 -16.38
CA LYS B 116 21.33 3.57 -16.73
C LYS B 116 20.11 2.97 -16.06
N VAL B 117 19.85 3.29 -14.79
CA VAL B 117 18.68 2.70 -14.13
CA VAL B 117 18.69 2.70 -14.13
C VAL B 117 17.40 3.24 -14.73
N LYS B 118 17.38 4.52 -15.10
CA LYS B 118 16.19 5.06 -15.74
C LYS B 118 15.96 4.38 -17.09
N ALA B 119 17.03 4.20 -17.87
CA ALA B 119 16.89 3.56 -19.18
C ALA B 119 16.36 2.13 -19.03
N GLY B 120 16.91 1.38 -18.08
CA GLY B 120 16.50 -0.01 -17.91
C GLY B 120 15.13 -0.13 -17.27
N ASN B 121 14.88 0.62 -16.19
CA ASN B 121 13.71 0.40 -15.34
C ASN B 121 12.50 1.20 -15.76
N LEU B 122 12.69 2.30 -16.49
CA LEU B 122 11.57 3.11 -16.93
C LEU B 122 11.47 3.19 -18.44
N ASP B 123 12.55 3.50 -19.15
CA ASP B 123 12.43 3.66 -20.61
C ASP B 123 11.97 2.36 -21.27
N MET B 124 12.46 1.21 -20.80
CA MET B 124 12.01 -0.05 -21.39
C MET B 124 10.51 -0.24 -21.21
N VAL B 125 9.96 0.25 -20.10
CA VAL B 125 8.54 0.11 -19.82
C VAL B 125 7.74 1.07 -20.69
N PHE B 126 8.13 2.34 -20.70
CA PHE B 126 7.44 3.34 -21.49
C PHE B 126 7.39 2.94 -22.95
N HIS B 127 8.55 2.67 -23.55
CA HIS B 127 8.58 2.37 -24.98
C HIS B 127 8.01 0.99 -25.28
N GLY B 128 8.24 0.03 -24.40
CA GLY B 128 7.67 -1.29 -24.61
C GLY B 128 6.16 -1.25 -24.66
N LEU B 129 5.54 -0.55 -23.70
CA LEU B 129 4.08 -0.49 -23.68
C LEU B 129 3.55 0.34 -24.83
N GLN B 130 4.26 1.41 -25.23
CA GLN B 130 3.80 2.18 -26.38
C GLN B 130 3.84 1.35 -27.66
N ALA B 131 4.73 0.37 -27.73
CA ALA B 131 4.82 -0.48 -28.91
C ALA B 131 3.79 -1.60 -28.89
N VAL B 132 3.59 -2.26 -27.74
CA VAL B 132 2.75 -3.46 -27.76
C VAL B 132 1.26 -3.10 -27.70
N LEU B 133 0.89 -1.98 -27.11
CA LEU B 133 -0.52 -1.74 -26.87
C LEU B 133 -1.33 -1.44 -28.14
N PRO B 134 -0.84 -0.69 -29.11
CA PRO B 134 -1.69 -0.32 -30.27
C PRO B 134 -2.34 -1.51 -30.94
N PRO B 135 -1.62 -2.58 -31.28
CA PRO B 135 -2.31 -3.71 -31.91
C PRO B 135 -3.29 -4.41 -30.99
N MET B 136 -3.03 -4.42 -29.68
CA MET B 136 -3.98 -4.99 -28.72
C MET B 136 -5.26 -4.14 -28.65
N VAL B 137 -5.11 -2.82 -28.54
CA VAL B 137 -6.26 -1.93 -28.56
C VAL B 137 -7.05 -2.10 -29.85
N ALA B 138 -6.36 -2.21 -30.99
CA ALA B 138 -7.06 -2.36 -32.26
C ALA B 138 -7.90 -3.63 -32.29
N ALA B 139 -7.40 -4.70 -31.66
CA ALA B 139 -8.10 -5.97 -31.64
C ALA B 139 -9.15 -6.04 -30.56
N GLY B 140 -9.12 -5.12 -29.59
CA GLY B 140 -10.05 -5.15 -28.50
C GLY B 140 -9.75 -6.19 -27.47
N ALA B 141 -8.51 -6.68 -27.42
CA ALA B 141 -8.13 -7.68 -26.46
C ALA B 141 -6.61 -7.79 -26.43
N GLY B 142 -6.07 -7.97 -25.22
CA GLY B 142 -4.66 -8.23 -25.09
C GLY B 142 -4.33 -8.45 -23.62
N GLN B 143 -3.16 -9.05 -23.40
CA GLN B 143 -2.67 -9.28 -22.05
C GLN B 143 -1.18 -9.00 -21.99
N CYS B 144 -0.79 -8.20 -21.02
CA CYS B 144 0.61 -7.83 -20.87
CA CYS B 144 0.60 -7.82 -20.86
C CYS B 144 1.05 -8.04 -19.43
N VAL B 145 2.27 -8.55 -19.27
CA VAL B 145 2.96 -8.60 -18.00
C VAL B 145 4.28 -7.85 -18.18
N VAL B 146 4.52 -6.88 -17.31
CA VAL B 146 5.79 -6.16 -17.25
C VAL B 146 6.53 -6.69 -16.03
N PHE B 147 7.72 -7.25 -16.24
CA PHE B 147 8.56 -7.62 -15.11
C PHE B 147 9.33 -6.39 -14.63
N THR B 148 9.06 -6.00 -13.38
CA THR B 148 9.76 -4.92 -12.69
C THR B 148 10.66 -5.58 -11.66
N SER B 149 10.36 -5.46 -10.37
CA SER B 149 11.19 -6.04 -9.32
C SER B 149 10.40 -6.02 -8.03
N ALA B 150 10.62 -7.04 -7.18
CA ALA B 150 10.01 -6.98 -5.86
C ALA B 150 10.51 -5.76 -5.08
N THR B 151 11.69 -5.24 -5.42
CA THR B 151 12.17 -4.04 -4.75
C THR B 151 11.24 -2.85 -5.01
N GLY B 152 10.48 -2.86 -6.11
CA GLY B 152 9.56 -1.78 -6.36
C GLY B 152 8.46 -1.67 -5.33
N GLY B 153 8.13 -2.78 -4.66
CA GLY B 153 7.15 -2.77 -3.59
C GLY B 153 7.68 -2.38 -2.23
N ARG B 154 9.00 -2.28 -2.08
CA ARG B 154 9.63 -1.90 -0.81
C ARG B 154 11.05 -1.41 -1.07
N PRO B 155 11.20 -0.26 -1.72
CA PRO B 155 12.55 0.22 -2.06
C PRO B 155 13.34 0.53 -0.79
N ASP B 156 14.47 -0.14 -0.66
CA ASP B 156 15.24 -0.21 0.58
C ASP B 156 16.61 0.44 0.45
N PRO B 157 17.29 0.68 1.58
CA PRO B 157 18.69 1.13 1.52
C PRO B 157 19.52 0.22 0.64
N MET B 158 20.45 0.85 -0.08
CA MET B 158 21.39 0.27 -1.04
C MET B 158 20.75 -0.03 -2.38
N VAL B 159 19.42 0.05 -2.52
CA VAL B 159 18.80 -0.07 -3.83
C VAL B 159 17.88 1.12 -4.05
N SER B 160 18.32 2.32 -3.64
CA SER B 160 17.43 3.48 -3.69
C SER B 160 16.96 3.77 -5.12
N ILE B 161 17.90 3.93 -6.06
CA ILE B 161 17.48 4.40 -7.38
C ILE B 161 16.94 3.24 -8.21
N TYR B 162 17.46 2.03 -8.02
CA TYR B 162 16.89 0.85 -8.67
C TYR B 162 15.48 0.59 -8.15
N GLY B 163 15.34 0.38 -6.84
CA GLY B 163 14.03 0.11 -6.29
C GLY B 163 13.05 1.25 -6.51
N GLY B 164 13.52 2.48 -6.38
CA GLY B 164 12.63 3.62 -6.57
C GLY B 164 12.09 3.70 -7.98
N THR B 165 12.96 3.56 -8.98
CA THR B 165 12.47 3.59 -10.35
C THR B 165 11.62 2.37 -10.66
N ARG B 166 11.87 1.22 -10.01
CA ARG B 166 10.95 0.10 -10.14
C ARG B 166 9.56 0.44 -9.60
N ALA B 167 9.48 1.15 -8.47
CA ALA B 167 8.19 1.60 -7.98
C ALA B 167 7.51 2.50 -8.99
N GLY B 168 8.28 3.33 -9.70
CA GLY B 168 7.71 4.15 -10.76
C GLY B 168 7.17 3.32 -11.92
N ALA B 169 7.91 2.28 -12.31
CA ALA B 169 7.40 1.38 -13.34
C ALA B 169 6.08 0.74 -12.92
N ASN B 170 6.00 0.30 -11.66
CA ASN B 170 4.75 -0.27 -11.16
C ASN B 170 3.62 0.75 -11.25
N GLY B 171 3.91 2.02 -10.95
CA GLY B 171 2.89 3.05 -11.04
C GLY B 171 2.44 3.30 -12.46
N ILE B 172 3.38 3.34 -13.41
CA ILE B 172 3.02 3.48 -14.81
C ILE B 172 2.11 2.32 -15.22
N VAL B 173 2.45 1.10 -14.79
CA VAL B 173 1.65 -0.06 -15.11
C VAL B 173 0.25 0.06 -14.53
N ARG B 174 0.12 0.57 -13.30
CA ARG B 174 -1.21 0.75 -12.74
C ARG B 174 -2.05 1.66 -13.62
N ALA B 175 -1.52 2.83 -13.95
CA ALA B 175 -2.27 3.80 -14.75
C ALA B 175 -2.61 3.22 -16.12
N VAL B 176 -1.62 2.60 -16.77
CA VAL B 176 -1.79 2.10 -18.12
C VAL B 176 -2.75 0.91 -18.13
N GLY B 177 -2.65 0.03 -17.13
CA GLY B 177 -3.57 -1.09 -17.05
C GLY B 177 -5.00 -0.66 -16.82
N LEU B 178 -5.20 0.40 -16.02
CA LEU B 178 -6.53 0.94 -15.84
C LEU B 178 -7.00 1.68 -17.09
N GLU B 179 -6.10 2.38 -17.79
CA GLU B 179 -6.48 3.23 -18.90
C GLU B 179 -6.93 2.43 -20.12
N HIS B 180 -6.36 1.25 -20.35
CA HIS B 180 -6.71 0.47 -21.53
C HIS B 180 -7.64 -0.69 -21.21
N ALA B 181 -8.13 -0.79 -19.97
CA ALA B 181 -9.03 -1.86 -19.59
C ALA B 181 -10.32 -1.82 -20.41
N ARG B 182 -10.81 -0.62 -20.75
CA ARG B 182 -12.02 -0.51 -21.56
C ARG B 182 -11.84 -1.08 -22.96
N HIS B 183 -10.60 -1.23 -23.42
CA HIS B 183 -10.28 -1.82 -24.71
C HIS B 183 -9.97 -3.30 -24.60
N GLY B 184 -10.25 -3.91 -23.44
CA GLY B 184 -10.06 -5.34 -23.28
C GLY B 184 -8.63 -5.75 -23.06
N VAL B 185 -7.77 -4.80 -22.70
CA VAL B 185 -6.35 -5.04 -22.57
C VAL B 185 -6.00 -5.02 -21.08
N GLN B 186 -5.35 -6.07 -20.62
CA GLN B 186 -4.82 -6.13 -19.28
C GLN B 186 -3.34 -5.79 -19.31
N VAL B 187 -2.91 -4.98 -18.33
CA VAL B 187 -1.49 -4.72 -18.12
C VAL B 187 -1.22 -4.87 -16.63
N ASN B 188 -0.39 -5.84 -16.27
CA ASN B 188 -0.01 -6.10 -14.89
C ASN B 188 1.50 -6.17 -14.79
N ALA B 189 2.00 -5.98 -13.57
CA ALA B 189 3.42 -6.09 -13.28
C ALA B 189 3.66 -7.23 -12.30
N ILE B 190 4.75 -7.97 -12.53
CA ILE B 190 5.27 -8.94 -11.57
C ILE B 190 6.66 -8.46 -11.16
N GLY B 191 6.91 -8.44 -9.85
CA GLY B 191 8.23 -8.11 -9.36
C GLY B 191 8.79 -9.24 -8.55
N THR B 192 9.92 -9.79 -8.98
CA THR B 192 10.54 -10.90 -8.28
C THR B 192 11.75 -10.46 -7.47
N ASN B 193 12.16 -11.36 -6.58
CA ASN B 193 13.44 -11.31 -5.88
C ASN B 193 13.71 -12.74 -5.45
N TYR B 194 14.97 -13.03 -5.18
CA TYR B 194 15.36 -14.34 -4.65
C TYR B 194 14.97 -15.47 -5.59
N MET B 195 15.13 -15.24 -6.89
CA MET B 195 14.90 -16.28 -7.88
C MET B 195 16.19 -17.03 -8.20
N ASP B 196 16.06 -18.32 -8.42
CA ASP B 196 17.22 -19.15 -8.74
C ASP B 196 17.50 -19.06 -10.24
N PHE B 197 18.30 -18.06 -10.61
CA PHE B 197 18.85 -17.94 -11.95
C PHE B 197 20.15 -17.16 -11.83
N PRO B 198 21.01 -17.22 -12.84
CA PRO B 198 22.34 -16.58 -12.71
C PRO B 198 22.31 -15.12 -12.31
N GLY B 199 21.44 -14.31 -12.93
CA GLY B 199 21.41 -12.89 -12.62
C GLY B 199 21.32 -12.61 -11.14
N PHE B 200 20.44 -13.32 -10.44
CA PHE B 200 20.29 -13.09 -9.01
C PHE B 200 21.50 -13.61 -8.23
N LEU B 201 21.97 -14.81 -8.59
CA LEU B 201 23.08 -15.41 -7.88
C LEU B 201 24.36 -14.59 -8.00
N LYS B 202 24.45 -13.73 -9.04
CA LYS B 202 25.59 -12.84 -9.17
C LYS B 202 25.40 -11.56 -8.37
N ALA B 203 24.25 -10.90 -8.55
CA ALA B 203 23.98 -9.68 -7.78
C ALA B 203 24.07 -9.95 -6.28
N SER B 204 23.70 -11.15 -5.84
CA SER B 204 23.81 -11.53 -4.44
C SER B 204 25.14 -12.21 -4.11
N ARG B 205 25.96 -12.48 -5.11
CA ARG B 205 27.27 -13.11 -4.94
C ARG B 205 27.17 -14.50 -4.30
N ALA B 206 25.99 -15.12 -4.39
CA ALA B 206 25.82 -16.50 -3.94
C ALA B 206 26.35 -17.51 -4.94
N ASP B 207 26.84 -17.07 -6.09
CA ASP B 207 27.31 -17.97 -7.13
C ASP B 207 28.56 -18.72 -6.69
N GLY B 208 28.52 -20.05 -6.75
CA GLY B 208 29.66 -20.87 -6.36
C GLY B 208 30.03 -20.76 -4.91
N ASP B 209 29.13 -20.27 -4.07
CA ASP B 209 29.40 -19.98 -2.66
C ASP B 209 28.25 -20.55 -1.84
N PRO B 210 28.34 -21.83 -1.43
CA PRO B 210 27.21 -22.43 -0.69
C PRO B 210 26.87 -21.69 0.59
N GLU B 211 27.86 -21.18 1.31
CA GLU B 211 27.57 -20.48 2.56
C GLU B 211 26.80 -19.19 2.29
N ARG B 212 27.24 -18.43 1.29
CA ARG B 212 26.48 -17.24 0.87
C ARG B 212 25.07 -17.63 0.46
N ARG B 213 24.94 -18.64 -0.41
CA ARG B 213 23.63 -19.10 -0.85
C ARG B 213 22.71 -19.35 0.34
N ALA B 214 23.20 -20.06 1.36
CA ALA B 214 22.36 -20.43 2.48
C ALA B 214 21.93 -19.20 3.29
N MET B 215 22.84 -18.25 3.50
CA MET B 215 22.47 -17.02 4.19
C MET B 215 21.42 -16.25 3.40
N ILE B 216 21.51 -16.27 2.07
CA ILE B 216 20.53 -15.58 1.23
C ILE B 216 19.17 -16.24 1.36
N GLU B 217 19.12 -17.58 1.33
CA GLU B 217 17.84 -18.27 1.42
C GLU B 217 17.17 -18.00 2.77
N ALA B 218 17.96 -17.83 3.83
CA ALA B 218 17.41 -17.55 5.14
C ALA B 218 16.75 -16.18 5.23
N GLN B 219 16.98 -15.29 4.24
CA GLN B 219 16.29 -14.01 4.20
C GLN B 219 14.86 -14.11 3.68
N VAL B 220 14.51 -15.25 3.12
CA VAL B 220 13.22 -15.46 2.46
C VAL B 220 12.27 -16.12 3.43
N PRO B 221 11.04 -15.60 3.62
CA PRO B 221 10.11 -16.27 4.54
C PRO B 221 9.96 -17.75 4.25
N LEU B 222 9.78 -18.11 2.99
CA LEU B 222 9.66 -19.51 2.60
C LEU B 222 11.00 -20.24 2.51
N ARG B 223 12.10 -19.60 2.85
CA ARG B 223 13.38 -20.27 3.15
C ARG B 223 13.94 -21.01 1.94
N ARG B 224 13.77 -20.45 0.76
CA ARG B 224 14.18 -21.07 -0.50
CA ARG B 224 14.45 -20.97 -0.42
C ARG B 224 14.29 -19.98 -1.55
N LEU B 225 14.97 -20.29 -2.67
CA LEU B 225 14.90 -19.48 -3.86
C LEU B 225 13.78 -19.99 -4.76
N GLY B 226 13.15 -19.05 -5.48
CA GLY B 226 12.07 -19.41 -6.37
C GLY B 226 12.59 -20.03 -7.67
N THR B 227 11.75 -20.87 -8.28
CA THR B 227 12.16 -21.53 -9.51
C THR B 227 11.44 -20.92 -10.72
N MET B 228 12.08 -21.04 -11.88
CA MET B 228 11.47 -20.50 -13.09
C MET B 228 10.24 -21.29 -13.52
N ASP B 229 10.13 -22.56 -13.12
CA ASP B 229 8.90 -23.30 -13.38
C ASP B 229 7.72 -22.69 -12.64
N GLU B 230 7.91 -22.33 -11.36
CA GLU B 230 6.87 -21.66 -10.61
C GLU B 230 6.53 -20.31 -11.21
N LEU B 231 7.55 -19.51 -11.51
CA LEU B 231 7.31 -18.17 -12.04
C LEU B 231 6.66 -18.22 -13.41
N SER B 232 7.11 -19.12 -14.29
CA SER B 232 6.49 -19.23 -15.61
C SER B 232 5.02 -19.63 -15.48
N SER B 233 4.70 -20.45 -14.49
CA SER B 233 3.30 -20.86 -14.29
C SER B 233 2.42 -19.67 -13.95
N VAL B 234 2.83 -18.85 -12.97
CA VAL B 234 2.05 -17.67 -12.60
CA VAL B 234 2.01 -17.71 -12.62
C VAL B 234 2.00 -16.69 -13.76
N THR B 235 3.12 -16.50 -14.45
CA THR B 235 3.18 -15.53 -15.53
C THR B 235 2.27 -15.95 -16.68
N ALA B 236 2.34 -17.22 -17.08
CA ALA B 236 1.49 -17.70 -18.17
C ALA B 236 0.01 -17.55 -17.82
N GLY B 237 -0.35 -17.69 -16.55
CA GLY B 237 -1.73 -17.52 -16.14
C GLY B 237 -2.27 -16.11 -16.33
N LEU B 238 -1.38 -15.14 -16.48
CA LEU B 238 -1.74 -13.76 -16.78
C LEU B 238 -1.63 -13.43 -18.26
N LEU B 239 -1.29 -14.43 -19.10
CA LEU B 239 -1.04 -14.20 -20.51
C LEU B 239 -1.72 -15.19 -21.45
N ASP B 240 -2.43 -16.19 -20.92
CA ASP B 240 -2.93 -17.29 -21.73
C ASP B 240 -4.43 -17.25 -21.94
N GLY B 241 -5.09 -16.14 -21.58
CA GLY B 241 -6.51 -15.98 -21.74
C GLY B 241 -7.38 -16.58 -20.66
N SER B 242 -6.77 -17.30 -19.70
CA SER B 242 -7.53 -17.98 -18.65
C SER B 242 -8.04 -17.03 -17.58
N ASN B 243 -7.47 -15.83 -17.49
CA ASN B 243 -7.80 -14.89 -16.43
C ASN B 243 -7.85 -13.51 -17.08
N ARG B 244 -9.06 -13.01 -17.31
CA ARG B 244 -9.25 -11.70 -17.90
C ARG B 244 -9.88 -10.73 -16.91
N PHE B 245 -9.53 -10.85 -15.63
CA PHE B 245 -10.20 -10.05 -14.60
C PHE B 245 -9.23 -9.41 -13.60
N GLN B 246 -7.97 -9.22 -13.99
CA GLN B 246 -7.01 -8.43 -13.22
C GLN B 246 -6.26 -7.50 -14.17
N THR B 247 -6.14 -6.23 -13.78
CA THR B 247 -5.38 -5.28 -14.59
C THR B 247 -4.94 -4.12 -13.70
N GLY B 248 -3.83 -3.50 -14.09
CA GLY B 248 -3.25 -2.41 -13.34
C GLY B 248 -2.65 -2.81 -12.02
N GLN B 249 -2.33 -4.08 -11.85
CA GLN B 249 -1.96 -4.62 -10.55
C GLN B 249 -0.50 -5.02 -10.54
N PHE B 250 0.05 -5.08 -9.34
CA PHE B 250 1.43 -5.45 -9.10
C PHE B 250 1.44 -6.68 -8.20
N PHE B 251 2.14 -7.73 -8.64
CA PHE B 251 2.21 -8.98 -7.92
C PHE B 251 3.63 -9.24 -7.46
N ASP B 252 3.82 -9.31 -6.15
CA ASP B 252 5.10 -9.68 -5.56
C ASP B 252 5.32 -11.18 -5.69
N PHE B 253 6.54 -11.56 -6.08
CA PHE B 253 6.90 -12.97 -6.26
C PHE B 253 8.32 -13.14 -5.70
N SER B 254 8.40 -13.34 -4.39
CA SER B 254 9.69 -13.31 -3.69
C SER B 254 9.64 -14.11 -2.40
N GLY B 255 8.83 -15.16 -2.36
CA GLY B 255 8.80 -16.05 -1.22
C GLY B 255 8.22 -15.44 0.02
N GLY B 256 7.43 -14.38 -0.13
CA GLY B 256 6.90 -13.62 0.98
C GLY B 256 7.72 -12.41 1.34
N TRP B 257 8.89 -12.23 0.72
CA TRP B 257 9.78 -11.13 1.11
C TRP B 257 9.11 -9.78 0.93
N GLY B 258 8.29 -9.63 -0.11
CA GLY B 258 7.60 -8.39 -0.35
C GLY B 258 6.16 -8.36 0.10
N ALA B 259 5.78 -9.29 0.97
CA ALA B 259 4.42 -9.30 1.51
C ALA B 259 4.18 -8.09 2.40
N ASN C 3 -15.71 31.72 23.16
CA ASN C 3 -15.90 30.37 23.67
C ASN C 3 -14.82 29.45 23.13
N ARG C 4 -14.26 28.63 24.01
CA ARG C 4 -13.15 27.78 23.59
C ARG C 4 -13.67 26.49 22.97
N PRO C 5 -13.00 25.97 21.93
CA PRO C 5 -13.37 24.64 21.43
C PRO C 5 -12.98 23.57 22.43
N VAL C 6 -13.54 22.38 22.26
CA VAL C 6 -13.44 21.32 23.26
C VAL C 6 -12.78 20.10 22.63
N ALA C 7 -11.79 19.54 23.33
CA ALA C 7 -11.11 18.32 22.90
C ALA C 7 -11.28 17.24 23.97
N LEU C 8 -11.76 16.08 23.52
CA LEU C 8 -11.79 14.87 24.32
C LEU C 8 -10.54 14.07 24.03
N ILE C 9 -9.89 13.60 25.10
CA ILE C 9 -8.72 12.73 25.02
C ILE C 9 -8.94 11.56 25.94
N THR C 10 -8.84 10.33 25.43
CA THR C 10 -9.05 9.16 26.29
C THR C 10 -7.74 8.53 26.69
N MET C 11 -7.79 7.70 27.73
CA MET C 11 -6.59 7.08 28.30
CA MET C 11 -6.60 7.09 28.32
C MET C 11 -5.56 8.15 28.65
N ALA C 12 -6.03 9.30 29.11
CA ALA C 12 -5.21 10.51 29.18
C ALA C 12 -4.33 10.59 30.41
N THR C 13 -4.34 9.59 31.29
CA THR C 13 -3.36 9.49 32.37
C THR C 13 -2.07 8.82 31.93
N GLY C 14 -1.92 8.49 30.65
CA GLY C 14 -0.70 7.89 30.15
C GLY C 14 -0.64 8.04 28.64
N TYR C 15 0.40 7.43 28.06
CA TYR C 15 0.61 7.48 26.59
C TYR C 15 0.66 8.95 26.18
N VAL C 16 -0.01 9.34 25.09
CA VAL C 16 0.12 10.70 24.56
C VAL C 16 -0.72 11.72 25.29
N GLY C 17 -1.66 11.26 26.11
CA GLY C 17 -2.66 12.10 26.73
C GLY C 17 -2.15 13.33 27.43
N PRO C 18 -1.24 13.16 28.39
CA PRO C 18 -0.78 14.33 29.17
C PRO C 18 -0.11 15.40 28.31
N ALA C 19 0.79 15.01 27.40
CA ALA C 19 1.44 15.99 26.54
C ALA C 19 0.44 16.59 25.55
N LEU C 20 -0.49 15.79 25.04
CA LEU C 20 -1.50 16.33 24.13
C LEU C 20 -2.39 17.33 24.85
N ALA C 21 -2.78 17.03 26.09
CA ALA C 21 -3.59 17.96 26.84
C ALA C 21 -2.87 19.30 27.00
N ARG C 22 -1.56 19.26 27.28
CA ARG C 22 -0.80 20.48 27.46
C ARG C 22 -0.83 21.34 26.21
N THR C 23 -0.60 20.73 25.04
CA THR C 23 -0.50 21.58 23.85
C THR C 23 -1.88 21.97 23.35
N MET C 24 -2.91 21.14 23.53
CA MET C 24 -4.26 21.56 23.14
C MET C 24 -4.72 22.72 24.01
N ALA C 25 -4.38 22.72 25.30
CA ALA C 25 -4.68 23.87 26.15
C ALA C 25 -3.97 25.11 25.62
N ASP C 26 -2.68 24.98 25.26
CA ASP C 26 -1.95 26.09 24.67
C ASP C 26 -2.64 26.61 23.42
N ARG C 27 -3.23 25.71 22.64
CA ARG C 27 -3.88 26.05 21.38
C ARG C 27 -5.29 26.56 21.58
N GLY C 28 -5.75 26.69 22.82
CA GLY C 28 -6.98 27.38 23.11
C GLY C 28 -8.17 26.50 23.42
N PHE C 29 -7.96 25.22 23.68
CA PHE C 29 -9.03 24.27 23.90
C PHE C 29 -9.34 24.10 25.38
N ASP C 30 -10.62 23.89 25.68
CA ASP C 30 -11.03 23.24 26.90
C ASP C 30 -10.95 21.72 26.69
N LEU C 31 -10.90 20.98 27.79
CA LEU C 31 -10.52 19.59 27.74
C LEU C 31 -11.46 18.68 28.51
N VAL C 32 -11.78 17.53 27.93
CA VAL C 32 -12.34 16.40 28.68
C VAL C 32 -11.32 15.28 28.62
N LEU C 33 -10.81 14.88 29.78
CA LEU C 33 -9.78 13.85 29.87
C LEU C 33 -10.41 12.60 30.49
N HIS C 34 -10.61 11.57 29.67
CA HIS C 34 -10.92 10.24 30.17
C HIS C 34 -9.63 9.57 30.60
N GLY C 35 -9.68 8.82 31.68
CA GLY C 35 -8.48 8.11 32.12
C GLY C 35 -8.73 7.22 33.31
N THR C 36 -7.63 6.81 33.93
CA THR C 36 -7.65 5.95 35.11
C THR C 36 -7.55 6.82 36.35
N ALA C 37 -8.48 6.63 37.29
CA ALA C 37 -8.40 7.35 38.55
C ALA C 37 -7.24 6.81 39.38
N GLY C 38 -6.74 7.65 40.29
CA GLY C 38 -5.69 7.25 41.19
C GLY C 38 -4.37 7.96 40.90
N ASP C 39 -3.42 7.73 41.80
CA ASP C 39 -2.13 8.40 41.72
C ASP C 39 -1.15 7.59 40.88
N GLY C 40 0.04 8.16 40.67
CA GLY C 40 1.01 7.59 39.76
C GLY C 40 1.48 6.20 40.12
N THR C 41 1.23 5.75 41.34
CA THR C 41 1.58 4.39 41.72
C THR C 41 0.56 3.38 41.22
N MET C 42 -0.57 3.83 40.67
CA MET C 42 -1.53 2.92 40.05
C MET C 42 -0.99 2.42 38.72
N VAL C 43 -1.45 1.24 38.32
CA VAL C 43 -0.90 0.56 37.15
C VAL C 43 -1.34 1.30 35.89
N GLY C 44 -0.38 1.76 35.10
CA GLY C 44 -0.65 2.46 33.86
C GLY C 44 -0.77 3.96 33.99
N VAL C 45 -0.83 4.49 35.21
CA VAL C 45 -0.96 5.93 35.42
C VAL C 45 0.44 6.54 35.40
N GLU C 46 0.74 7.30 34.35
CA GLU C 46 2.01 7.98 34.21
C GLU C 46 1.95 9.41 34.74
N GLU C 47 0.86 10.11 34.47
CA GLU C 47 0.58 11.43 35.04
C GLU C 47 -0.86 11.42 35.52
N SER C 48 -1.04 11.34 36.84
CA SER C 48 -2.38 11.31 37.40
C SER C 48 -3.16 12.57 37.02
N PHE C 49 -4.49 12.47 37.08
CA PHE C 49 -5.33 13.65 36.94
C PHE C 49 -4.89 14.75 37.90
N ASP C 50 -4.66 14.39 39.17
CA ASP C 50 -4.27 15.38 40.16
C ASP C 50 -2.97 16.06 39.77
N SER C 51 -2.05 15.33 39.13
CA SER C 51 -0.76 15.91 38.79
C SER C 51 -0.84 16.86 37.60
N GLN C 52 -1.90 16.77 36.79
CA GLN C 52 -2.02 17.54 35.56
C GLN C 52 -2.80 18.84 35.72
N ILE C 53 -3.71 18.92 36.69
CA ILE C 53 -4.79 19.90 36.63
C ILE C 53 -4.27 21.31 36.83
N ALA C 54 -3.32 21.51 37.76
CA ALA C 54 -2.84 22.87 38.00
C ALA C 54 -2.16 23.45 36.77
N ASP C 55 -1.32 22.65 36.10
CA ASP C 55 -0.66 23.11 34.88
C ASP C 55 -1.67 23.40 33.78
N LEU C 56 -2.67 22.54 33.62
CA LEU C 56 -3.63 22.76 32.54
C LEU C 56 -4.47 24.01 32.80
N ALA C 57 -4.83 24.27 34.06
CA ALA C 57 -5.54 25.49 34.39
C ALA C 57 -4.70 26.72 34.10
N LYS C 58 -3.40 26.65 34.39
CA LYS C 58 -2.53 27.79 34.13
C LYS C 58 -2.43 28.09 32.64
N ARG C 59 -2.51 27.06 31.80
CA ARG C 59 -2.50 27.25 30.35
C ARG C 59 -3.81 27.81 29.82
N GLY C 60 -4.84 27.90 30.65
CA GLY C 60 -6.09 28.53 30.28
C GLY C 60 -7.26 27.59 30.09
N ALA C 61 -7.06 26.28 30.26
CA ALA C 61 -8.10 25.31 29.98
C ALA C 61 -8.98 25.02 31.19
N ASP C 62 -10.29 24.98 30.96
CA ASP C 62 -11.20 24.27 31.85
C ASP C 62 -11.11 22.78 31.52
N VAL C 63 -11.17 21.95 32.55
CA VAL C 63 -10.90 20.52 32.42
C VAL C 63 -11.99 19.74 33.15
N LEU C 64 -12.63 18.82 32.45
CA LEU C 64 -13.46 17.79 33.07
C LEU C 64 -12.72 16.46 32.98
N THR C 65 -12.70 15.70 34.06
CA THR C 65 -12.08 14.37 34.02
C THR C 65 -13.16 13.30 34.16
N ILE C 66 -12.94 12.16 33.50
CA ILE C 66 -13.88 11.06 33.47
C ILE C 66 -13.13 9.75 33.70
N SER C 67 -13.69 8.86 34.51
CA SER C 67 -13.11 7.55 34.75
C SER C 67 -14.22 6.50 34.78
N ASP C 68 -13.81 5.23 34.89
CA ASP C 68 -14.73 4.12 35.14
C ASP C 68 -15.86 4.04 34.11
N VAL C 69 -15.54 4.29 32.85
CA VAL C 69 -16.41 3.94 31.74
C VAL C 69 -15.68 2.87 30.92
N ASP C 70 -16.41 1.85 30.49
CA ASP C 70 -15.84 0.77 29.69
C ASP C 70 -15.90 1.22 28.24
N LEU C 71 -14.78 1.68 27.71
CA LEU C 71 -14.78 2.16 26.33
C LEU C 71 -14.75 1.02 25.30
N THR C 72 -14.84 -0.24 25.71
CA THR C 72 -15.08 -1.31 24.75
C THR C 72 -16.56 -1.50 24.46
N THR C 73 -17.44 -0.69 25.04
CA THR C 73 -18.87 -0.91 24.94
C THR C 73 -19.58 0.35 24.45
N ARG C 74 -20.79 0.14 23.91
CA ARG C 74 -21.62 1.29 23.53
C ARG C 74 -21.97 2.13 24.74
N THR C 75 -22.35 1.48 25.85
CA THR C 75 -22.78 2.21 27.03
C THR C 75 -21.70 3.18 27.50
N GLY C 76 -20.45 2.69 27.58
CA GLY C 76 -19.38 3.51 28.11
C GLY C 76 -19.08 4.70 27.21
N ASN C 77 -18.99 4.46 25.90
CA ASN C 77 -18.68 5.57 24.99
C ASN C 77 -19.83 6.56 24.91
N GLN C 78 -21.07 6.07 24.86
CA GLN C 78 -22.21 6.98 24.83
C GLN C 78 -22.28 7.81 26.10
N SER C 79 -22.07 7.19 27.25
CA SER C 79 -22.05 7.93 28.51
C SER C 79 -20.97 8.99 28.50
N MET C 80 -19.79 8.65 27.99
CA MET C 80 -18.68 9.60 27.95
C MET C 80 -19.05 10.84 27.16
N ILE C 81 -19.60 10.64 25.96
CA ILE C 81 -19.91 11.80 25.11
C ILE C 81 -21.05 12.62 25.70
N GLU C 82 -22.06 11.95 26.28
CA GLU C 82 -23.11 12.69 26.96
C GLU C 82 -22.52 13.59 28.05
N ARG C 83 -21.51 13.11 28.76
CA ARG C 83 -20.90 13.92 29.80
C ARG C 83 -20.08 15.07 29.23
N VAL C 84 -19.44 14.86 28.07
CA VAL C 84 -18.78 15.96 27.37
C VAL C 84 -19.78 17.06 27.06
N LEU C 85 -20.90 16.69 26.43
CA LEU C 85 -21.86 17.68 25.97
C LEU C 85 -22.56 18.36 27.12
N GLU C 86 -22.86 17.61 28.19
CA GLU C 86 -23.49 18.20 29.37
C GLU C 86 -22.58 19.26 29.99
N ARG C 87 -21.26 19.03 29.97
CA ARG C 87 -20.33 19.95 30.60
C ARG C 87 -20.05 21.17 29.72
N PHE C 88 -19.83 20.96 28.42
CA PHE C 88 -19.33 21.99 27.53
C PHE C 88 -20.26 22.32 26.36
N GLY C 89 -21.25 21.48 26.06
CA GLY C 89 -22.20 21.78 25.01
C GLY C 89 -21.69 21.60 23.60
N ARG C 90 -20.49 21.09 23.42
CA ARG C 90 -19.87 20.95 22.10
C ARG C 90 -18.74 19.95 22.21
N LEU C 91 -18.38 19.37 21.07
CA LEU C 91 -17.21 18.49 20.99
C LEU C 91 -16.58 18.73 19.63
N ASP C 92 -15.42 19.41 19.62
CA ASP C 92 -14.77 19.81 18.38
C ASP C 92 -13.72 18.79 17.94
N SER C 93 -13.00 18.21 18.89
CA SER C 93 -11.91 17.31 18.58
C SER C 93 -11.94 16.12 19.52
N ALA C 94 -11.59 14.95 19.00
CA ALA C 94 -11.54 13.75 19.83
C ALA C 94 -10.30 12.94 19.49
N CYS C 95 -9.55 12.58 20.51
CA CYS C 95 -8.39 11.70 20.42
C CYS C 95 -8.77 10.40 21.13
N LEU C 96 -9.10 9.37 20.34
CA LEU C 96 -9.57 8.09 20.89
C LEU C 96 -8.41 7.11 20.90
N VAL C 97 -7.84 6.89 22.07
CA VAL C 97 -6.78 5.90 22.25
C VAL C 97 -7.43 4.54 22.45
N THR C 98 -7.02 3.56 21.65
CA THR C 98 -7.65 2.26 21.66
C THR C 98 -6.60 1.15 21.71
N GLY C 99 -7.05 -0.03 22.12
CA GLY C 99 -6.27 -1.23 21.93
C GLY C 99 -6.04 -2.06 23.18
N LEU C 100 -5.75 -3.34 22.95
CA LEU C 100 -5.33 -4.26 24.01
CA LEU C 100 -5.34 -4.26 24.01
C LEU C 100 -4.31 -5.20 23.42
N ILE C 101 -3.09 -5.15 23.94
CA ILE C 101 -1.97 -5.87 23.33
C ILE C 101 -2.02 -7.35 23.72
N VAL C 102 -1.93 -8.20 22.70
CA VAL C 102 -1.67 -9.62 22.86
C VAL C 102 -0.65 -10.01 21.80
N THR C 103 0.34 -10.81 22.19
CA THR C 103 1.31 -11.33 21.25
C THR C 103 1.52 -12.80 21.55
N GLY C 104 2.18 -13.48 20.62
CA GLY C 104 2.45 -14.90 20.73
C GLY C 104 2.17 -15.61 19.43
N LYS C 105 2.48 -16.90 19.43
CA LYS C 105 2.26 -17.71 18.24
C LYS C 105 0.77 -17.76 17.90
N PHE C 106 0.47 -17.62 16.60
CA PHE C 106 -0.92 -17.66 16.16
C PHE C 106 -1.65 -18.89 16.69
N LEU C 107 -1.05 -20.07 16.56
CA LEU C 107 -1.72 -21.31 16.95
C LEU C 107 -1.79 -21.48 18.46
N ASP C 108 -1.15 -20.60 19.23
CA ASP C 108 -1.31 -20.61 20.68
C ASP C 108 -2.44 -19.70 21.16
N MET C 109 -3.03 -18.90 20.27
CA MET C 109 -4.01 -17.92 20.71
C MET C 109 -5.30 -18.62 21.15
N THR C 110 -5.82 -18.23 22.31
CA THR C 110 -7.02 -18.81 22.85
C THR C 110 -8.24 -17.99 22.44
N ASP C 111 -9.42 -18.54 22.67
CA ASP C 111 -10.65 -17.77 22.42
C ASP C 111 -10.68 -16.53 23.29
N ASP C 112 -10.17 -16.62 24.52
CA ASP C 112 -10.13 -15.46 25.40
CA ASP C 112 -10.15 -15.45 25.39
C ASP C 112 -9.23 -14.37 24.84
N GLN C 113 -8.05 -14.74 24.33
CA GLN C 113 -7.14 -13.77 23.76
C GLN C 113 -7.74 -13.13 22.51
N TRP C 114 -8.40 -13.94 21.69
CA TRP C 114 -9.05 -13.44 20.49
C TRP C 114 -10.18 -12.46 20.84
N ALA C 115 -11.00 -12.80 21.84
CA ALA C 115 -12.05 -11.88 22.25
C ALA C 115 -11.48 -10.58 22.79
N LYS C 116 -10.40 -10.66 23.54
CA LYS C 116 -9.80 -9.47 24.15
CA LYS C 116 -9.83 -9.46 24.14
C LYS C 116 -9.24 -8.52 23.10
N VAL C 117 -8.54 -9.05 22.10
CA VAL C 117 -7.96 -8.19 21.07
CA VAL C 117 -7.97 -8.17 21.09
C VAL C 117 -9.06 -7.54 20.24
N LYS C 118 -10.16 -8.27 20.00
CA LYS C 118 -11.26 -7.67 19.25
C LYS C 118 -11.93 -6.55 20.05
N ALA C 119 -12.13 -6.76 21.35
CA ALA C 119 -12.73 -5.73 22.19
C ALA C 119 -11.84 -4.49 22.23
N GLY C 120 -10.53 -4.68 22.40
CA GLY C 120 -9.65 -3.54 22.53
C GLY C 120 -9.39 -2.83 21.22
N ASN C 121 -9.14 -3.60 20.15
CA ASN C 121 -8.68 -3.01 18.90
C ASN C 121 -9.80 -2.63 17.94
N LEU C 122 -10.97 -3.24 18.08
CA LEU C 122 -12.09 -2.98 17.17
C LEU C 122 -13.29 -2.38 17.89
N ASP C 123 -13.76 -2.98 18.97
CA ASP C 123 -14.95 -2.45 19.64
C ASP C 123 -14.73 -1.03 20.12
N MET C 124 -13.54 -0.74 20.67
CA MET C 124 -13.27 0.63 21.12
C MET C 124 -13.35 1.62 19.97
N VAL C 125 -12.98 1.20 18.76
CA VAL C 125 -13.03 2.08 17.59
C VAL C 125 -14.47 2.24 17.12
N PHE C 126 -15.19 1.13 16.98
CA PHE C 126 -16.58 1.18 16.52
C PHE C 126 -17.44 2.02 17.45
N HIS C 127 -17.41 1.71 18.75
CA HIS C 127 -18.27 2.43 19.68
C HIS C 127 -17.77 3.84 19.92
N GLY C 128 -16.45 4.05 19.93
CA GLY C 128 -15.95 5.39 20.12
C GLY C 128 -16.37 6.32 19.00
N LEU C 129 -16.26 5.86 17.75
CA LEU C 129 -16.65 6.71 16.62
C LEU C 129 -18.17 6.89 16.56
N GLN C 130 -18.95 5.86 16.89
CA GLN C 130 -20.39 6.05 16.89
C GLN C 130 -20.82 7.09 17.93
N ALA C 131 -20.02 7.29 18.98
CA ALA C 131 -20.36 8.26 20.02
C ALA C 131 -19.88 9.67 19.69
N VAL C 132 -18.66 9.82 19.17
CA VAL C 132 -18.13 11.17 18.96
C VAL C 132 -18.69 11.80 17.68
N LEU C 133 -19.05 10.99 16.68
CA LEU C 133 -19.35 11.61 15.39
C LEU C 133 -20.67 12.40 15.36
N PRO C 134 -21.75 11.94 15.99
CA PRO C 134 -23.04 12.63 15.84
C PRO C 134 -22.96 14.12 16.21
N PRO C 135 -22.36 14.49 17.34
CA PRO C 135 -22.27 15.94 17.63
C PRO C 135 -21.41 16.69 16.63
N MET C 136 -20.38 16.04 16.06
CA MET C 136 -19.54 16.71 15.08
C MET C 136 -20.30 16.91 13.77
N VAL C 137 -21.05 15.89 13.35
CA VAL C 137 -21.86 16.01 12.14
C VAL C 137 -22.93 17.09 12.32
N ALA C 138 -23.58 17.11 13.48
CA ALA C 138 -24.59 18.14 13.74
C ALA C 138 -24.00 19.54 13.68
N ALA C 139 -22.76 19.70 14.10
CA ALA C 139 -22.10 21.00 14.09
C ALA C 139 -21.52 21.37 12.73
N GLY C 140 -21.38 20.40 11.82
CA GLY C 140 -20.78 20.68 10.54
C GLY C 140 -19.29 20.82 10.56
N ALA C 141 -18.64 20.36 11.63
CA ALA C 141 -17.19 20.42 11.73
C ALA C 141 -16.74 19.53 12.88
N GLY C 142 -15.63 18.84 12.69
CA GLY C 142 -15.03 18.09 13.77
C GLY C 142 -13.74 17.45 13.29
N GLN C 143 -12.88 17.11 14.25
CA GLN C 143 -11.63 16.44 13.93
C GLN C 143 -11.42 15.30 14.90
N CYS C 144 -11.11 14.13 14.37
CA CYS C 144 -10.89 12.95 15.20
CA CYS C 144 -10.92 12.93 15.18
C CYS C 144 -9.62 12.24 14.80
N VAL C 145 -8.87 11.82 15.81
CA VAL C 145 -7.72 10.93 15.65
C VAL C 145 -8.02 9.66 16.45
N VAL C 146 -7.91 8.51 15.80
CA VAL C 146 -8.00 7.20 16.45
C VAL C 146 -6.60 6.64 16.51
N PHE C 147 -6.11 6.37 17.72
CA PHE C 147 -4.84 5.67 17.85
C PHE C 147 -5.06 4.17 17.72
N THR C 148 -4.47 3.59 16.68
CA THR C 148 -4.49 2.15 16.45
C THR C 148 -3.10 1.64 16.81
N SER C 149 -2.30 1.23 15.83
CA SER C 149 -0.95 0.73 16.05
C SER C 149 -0.21 0.70 14.74
N ALA C 150 1.10 0.95 14.79
CA ALA C 150 1.90 0.78 13.58
C ALA C 150 1.87 -0.66 13.08
N THR C 151 1.57 -1.62 13.96
CA THR C 151 1.48 -3.01 13.52
C THR C 151 0.34 -3.20 12.52
N GLY C 152 -0.64 -2.31 12.52
CA GLY C 152 -1.71 -2.41 11.54
C GLY C 152 -1.25 -2.18 10.12
N GLY C 153 -0.15 -1.46 9.94
CA GLY C 153 0.46 -1.28 8.65
C GLY C 153 1.33 -2.42 8.18
N ARG C 154 1.69 -3.34 9.06
CA ARG C 154 2.55 -4.47 8.74
C ARG C 154 2.34 -5.58 9.75
N PRO C 155 1.18 -6.24 9.75
CA PRO C 155 0.92 -7.31 10.72
C PRO C 155 1.88 -8.46 10.52
N ASP C 156 2.63 -8.79 11.57
CA ASP C 156 3.79 -9.65 11.45
C ASP C 156 3.66 -10.93 12.27
N PRO C 157 4.52 -11.93 12.00
CA PRO C 157 4.60 -13.09 12.88
C PRO C 157 4.73 -12.68 14.35
N MET C 158 4.07 -13.46 15.21
CA MET C 158 3.97 -13.27 16.65
C MET C 158 3.04 -12.12 17.02
N VAL C 159 2.50 -11.40 16.04
CA VAL C 159 1.61 -10.27 16.30
C VAL C 159 0.37 -10.41 15.42
N SER C 160 -0.03 -11.65 15.14
CA SER C 160 -1.02 -11.89 14.10
C SER C 160 -2.37 -11.27 14.45
N ILE C 161 -2.95 -11.65 15.59
CA ILE C 161 -4.31 -11.19 15.84
C ILE C 161 -4.33 -9.75 16.30
N TYR C 162 -3.28 -9.29 16.98
CA TYR C 162 -3.18 -7.87 17.33
C TYR C 162 -2.99 -7.03 16.09
N GLY C 163 -1.94 -7.30 15.32
CA GLY C 163 -1.69 -6.50 14.13
C GLY C 163 -2.81 -6.61 13.12
N GLY C 164 -3.37 -7.80 12.96
CA GLY C 164 -4.45 -7.96 11.99
C GLY C 164 -5.69 -7.15 12.35
N THR C 165 -6.11 -7.21 13.62
CA THR C 165 -7.28 -6.42 14.00
C THR C 165 -6.96 -4.92 13.96
N ARG C 166 -5.70 -4.53 14.21
CA ARG C 166 -5.32 -3.14 14.02
C ARG C 166 -5.45 -2.70 12.56
N ALA C 167 -5.10 -3.59 11.62
CA ALA C 167 -5.34 -3.28 10.20
C ALA C 167 -6.84 -3.09 9.94
N GLY C 168 -7.68 -3.86 10.63
CA GLY C 168 -9.11 -3.68 10.49
C GLY C 168 -9.57 -2.33 11.02
N ALA C 169 -9.05 -1.94 12.18
CA ALA C 169 -9.38 -0.62 12.72
C ALA C 169 -8.98 0.47 11.74
N ASN C 170 -7.79 0.36 11.14
CA ASN C 170 -7.38 1.34 10.14
C ASN C 170 -8.35 1.37 8.97
N GLY C 171 -8.85 0.20 8.54
CA GLY C 171 -9.79 0.16 7.45
C GLY C 171 -11.12 0.80 7.79
N ILE C 172 -11.61 0.56 9.01
CA ILE C 172 -12.83 1.23 9.46
C ILE C 172 -12.63 2.73 9.43
N VAL C 173 -11.47 3.20 9.90
CA VAL C 173 -11.22 4.63 9.93
C VAL C 173 -11.18 5.21 8.53
N ARG C 174 -10.59 4.49 7.57
CA ARG C 174 -10.61 4.95 6.19
C ARG C 174 -12.04 5.16 5.71
N ALA C 175 -12.88 4.13 5.85
CA ALA C 175 -14.26 4.24 5.35
C ALA C 175 -15.01 5.35 6.08
N VAL C 176 -14.85 5.43 7.40
CA VAL C 176 -15.60 6.40 8.19
C VAL C 176 -15.11 7.82 7.91
N GLY C 177 -13.79 7.98 7.80
CA GLY C 177 -13.23 9.28 7.44
C GLY C 177 -13.68 9.76 6.08
N LEU C 178 -13.79 8.85 5.12
CA LEU C 178 -14.33 9.23 3.82
C LEU C 178 -15.83 9.48 3.89
N GLU C 179 -16.55 8.74 4.73
CA GLU C 179 -18.01 8.79 4.73
C GLU C 179 -18.54 10.07 5.34
N HIS C 180 -17.83 10.64 6.31
CA HIS C 180 -18.31 11.85 6.98
C HIS C 180 -17.54 13.10 6.54
N ALA C 181 -16.66 12.98 5.54
CA ALA C 181 -15.96 14.13 5.01
C ALA C 181 -16.91 15.20 4.48
N ARG C 182 -18.04 14.80 3.90
CA ARG C 182 -18.99 15.78 3.36
C ARG C 182 -19.65 16.61 4.45
N HIS C 183 -19.52 16.20 5.70
CA HIS C 183 -20.05 16.94 6.84
C HIS C 183 -18.99 17.83 7.49
N GLY C 184 -17.82 17.94 6.87
CA GLY C 184 -16.75 18.75 7.44
C GLY C 184 -16.03 18.08 8.60
N VAL C 185 -16.15 16.77 8.72
CA VAL C 185 -15.58 16.02 9.82
C VAL C 185 -14.42 15.21 9.28
N GLN C 186 -13.27 15.29 9.95
CA GLN C 186 -12.11 14.49 9.63
C GLN C 186 -11.97 13.35 10.63
N VAL C 187 -11.65 12.15 10.12
CA VAL C 187 -11.31 11.02 10.96
C VAL C 187 -10.05 10.37 10.39
N ASN C 188 -8.98 10.36 11.17
CA ASN C 188 -7.70 9.81 10.75
C ASN C 188 -7.21 8.89 11.86
N ALA C 189 -6.33 7.98 11.49
CA ALA C 189 -5.71 7.08 12.44
C ALA C 189 -4.21 7.35 12.51
N ILE C 190 -3.67 7.27 13.72
CA ILE C 190 -2.23 7.25 13.93
C ILE C 190 -1.87 5.92 14.57
N GLY C 191 -0.85 5.25 14.04
CA GLY C 191 -0.39 4.01 14.60
C GLY C 191 1.07 4.10 14.99
N THR C 192 1.35 3.93 16.28
CA THR C 192 2.71 4.05 16.78
C THR C 192 3.28 2.68 17.09
N ASN C 193 4.60 2.66 17.25
CA ASN C 193 5.35 1.56 17.83
C ASN C 193 6.64 2.20 18.33
N TYR C 194 7.32 1.52 19.25
CA TYR C 194 8.62 1.98 19.74
C TYR C 194 8.51 3.37 20.41
N MET C 195 7.42 3.61 21.12
CA MET C 195 7.27 4.83 21.89
C MET C 195 7.83 4.67 23.29
N ASP C 196 8.42 5.73 23.82
CA ASP C 196 8.99 5.69 25.16
C ASP C 196 7.89 5.91 26.20
N PHE C 197 7.23 4.82 26.59
CA PHE C 197 6.28 4.85 27.69
C PHE C 197 6.12 3.42 28.22
N PRO C 198 5.59 3.26 29.43
CA PRO C 198 5.66 1.93 30.08
C PRO C 198 4.99 0.81 29.30
N GLY C 199 3.87 1.08 28.63
CA GLY C 199 3.19 0.03 27.90
C GLY C 199 4.06 -0.61 26.84
N PHE C 200 4.78 0.22 26.08
CA PHE C 200 5.67 -0.34 25.06
C PHE C 200 6.88 -1.00 25.70
N LEU C 201 7.46 -0.37 26.72
CA LEU C 201 8.64 -0.92 27.37
C LEU C 201 8.36 -2.29 27.95
N LYS C 202 7.16 -2.49 28.48
CA LYS C 202 6.81 -3.79 29.06
C LYS C 202 6.51 -4.82 27.98
N ALA C 203 5.78 -4.42 26.94
CA ALA C 203 5.46 -5.32 25.84
C ALA C 203 6.73 -5.82 25.16
N SER C 204 7.74 -4.96 25.05
CA SER C 204 9.01 -5.33 24.45
C SER C 204 9.98 -5.91 25.46
N ARG C 205 9.61 -5.88 26.74
CA ARG C 205 10.40 -6.45 27.83
C ARG C 205 11.74 -5.73 27.97
N ALA C 206 11.77 -4.47 27.56
CA ALA C 206 12.92 -3.59 27.70
C ALA C 206 12.83 -2.69 28.93
N ASP C 207 11.77 -2.80 29.71
CA ASP C 207 11.55 -1.86 30.81
C ASP C 207 12.67 -1.97 31.84
N GLY C 208 13.25 -0.82 32.18
CA GLY C 208 14.28 -0.75 33.21
C GLY C 208 15.53 -1.55 32.92
N ASP C 209 15.84 -1.80 31.65
CA ASP C 209 16.96 -2.67 31.27
C ASP C 209 17.68 -2.03 30.10
N PRO C 210 18.73 -1.24 30.37
CA PRO C 210 19.41 -0.55 29.26
C PRO C 210 19.86 -1.47 28.14
N GLU C 211 20.35 -2.66 28.48
CA GLU C 211 20.84 -3.62 27.48
C GLU C 211 19.73 -4.03 26.51
N ARG C 212 18.61 -4.52 27.06
CA ARG C 212 17.48 -4.92 26.22
CA ARG C 212 17.49 -4.93 26.22
C ARG C 212 16.87 -3.72 25.50
N ARG C 213 16.86 -2.56 26.15
CA ARG C 213 16.36 -1.38 25.46
C ARG C 213 17.20 -1.06 24.23
N ALA C 214 18.53 -1.19 24.34
CA ALA C 214 19.38 -0.93 23.18
C ALA C 214 19.07 -1.90 22.05
N MET C 215 18.83 -3.17 22.39
CA MET C 215 18.44 -4.15 21.39
CA MET C 215 18.44 -4.15 21.40
C MET C 215 17.13 -3.76 20.72
N ILE C 216 16.18 -3.23 21.50
CA ILE C 216 14.90 -2.82 20.95
C ILE C 216 15.07 -1.58 20.06
N GLU C 217 15.84 -0.60 20.52
CA GLU C 217 16.07 0.60 19.71
C GLU C 217 16.74 0.26 18.39
N ALA C 218 17.55 -0.81 18.36
CA ALA C 218 18.23 -1.23 17.15
C ALA C 218 17.27 -1.71 16.06
N GLN C 219 16.01 -1.99 16.41
CA GLN C 219 15.00 -2.42 15.45
C GLN C 219 14.37 -1.26 14.69
N VAL C 220 14.67 -0.03 15.09
CA VAL C 220 14.01 1.18 14.60
C VAL C 220 14.98 1.87 13.62
N PRO C 221 14.53 2.23 12.42
CA PRO C 221 15.45 2.96 11.51
C PRO C 221 16.09 4.17 12.18
N LEU C 222 15.32 5.00 12.89
CA LEU C 222 15.90 6.17 13.56
C LEU C 222 16.56 5.84 14.91
N ARG C 223 16.60 4.55 15.29
CA ARG C 223 17.54 4.07 16.30
CA ARG C 223 17.49 4.00 16.33
C ARG C 223 17.30 4.69 17.68
N ARG C 224 16.03 4.91 18.03
CA ARG C 224 15.62 5.55 19.27
CA ARG C 224 15.67 5.37 19.35
C ARG C 224 14.16 5.19 19.50
N LEU C 225 13.68 5.44 20.72
CA LEU C 225 12.25 5.41 20.96
C LEU C 225 11.68 6.82 20.78
N GLY C 226 10.42 6.88 20.33
CA GLY C 226 9.77 8.16 20.12
C GLY C 226 9.32 8.80 21.42
N THR C 227 9.23 10.12 21.42
CA THR C 227 8.80 10.82 22.62
C THR C 227 7.37 11.33 22.49
N MET C 228 6.72 11.48 23.64
CA MET C 228 5.33 11.95 23.64
C MET C 228 5.21 13.40 23.22
N ASP C 229 6.24 14.22 23.47
CA ASP C 229 6.22 15.58 22.96
C ASP C 229 6.16 15.59 21.43
N GLU C 230 6.95 14.71 20.79
CA GLU C 230 6.88 14.61 19.33
C GLU C 230 5.50 14.11 18.89
N LEU C 231 5.01 13.05 19.52
CA LEU C 231 3.74 12.48 19.08
C LEU C 231 2.59 13.45 19.31
N SER C 232 2.58 14.15 20.45
CA SER C 232 1.52 15.11 20.72
C SER C 232 1.55 16.26 19.72
N SER C 233 2.74 16.64 19.23
CA SER C 233 2.82 17.68 18.22
C SER C 233 2.11 17.24 16.94
N VAL C 234 2.40 16.04 16.44
CA VAL C 234 1.75 15.53 15.23
C VAL C 234 0.25 15.36 15.47
N THR C 235 -0.12 14.83 16.63
CA THR C 235 -1.53 14.57 16.91
C THR C 235 -2.32 15.87 16.98
N ALA C 236 -1.79 16.87 17.70
CA ALA C 236 -2.48 18.14 17.82
C ALA C 236 -2.67 18.81 16.45
N GLY C 237 -1.72 18.61 15.54
CA GLY C 237 -1.84 19.16 14.21
C GLY C 237 -3.01 18.61 13.41
N LEU C 238 -3.56 17.48 13.83
CA LEU C 238 -4.75 16.91 13.22
C LEU C 238 -6.00 17.17 14.04
N LEU C 239 -5.88 17.98 15.10
CA LEU C 239 -6.99 18.22 16.02
C LEU C 239 -7.18 19.69 16.35
N ASP C 240 -6.35 20.60 15.84
CA ASP C 240 -6.36 21.97 16.32
C ASP C 240 -6.92 22.95 15.30
N GLY C 241 -7.53 22.45 14.22
CA GLY C 241 -8.13 23.30 13.21
C GLY C 241 -7.16 23.82 12.16
N SER C 242 -5.86 23.57 12.31
CA SER C 242 -4.89 24.13 11.39
C SER C 242 -4.84 23.39 10.07
N ASN C 243 -5.29 22.14 10.04
CA ASN C 243 -5.18 21.27 8.87
C ASN C 243 -6.52 20.56 8.73
N ARG C 244 -7.35 21.04 7.81
CA ARG C 244 -8.66 20.44 7.55
C ARG C 244 -8.70 19.78 6.18
N PHE C 245 -7.58 19.18 5.74
CA PHE C 245 -7.51 18.64 4.39
C PHE C 245 -6.94 17.23 4.32
N GLN C 246 -7.01 16.48 5.42
CA GLN C 246 -6.67 15.06 5.44
C GLN C 246 -7.77 14.32 6.17
N THR C 247 -8.27 13.24 5.58
CA THR C 247 -9.27 12.43 6.27
C THR C 247 -9.24 11.02 5.70
N GLY C 248 -9.67 10.06 6.52
CA GLY C 248 -9.67 8.68 6.09
C GLY C 248 -8.30 8.06 5.97
N GLN C 249 -7.30 8.67 6.60
CA GLN C 249 -5.91 8.30 6.38
C GLN C 249 -5.31 7.64 7.61
N PHE C 250 -4.22 6.94 7.36
CA PHE C 250 -3.46 6.25 8.41
C PHE C 250 -2.04 6.76 8.37
N PHE C 251 -1.52 7.20 9.52
CA PHE C 251 -0.17 7.72 9.64
C PHE C 251 0.65 6.84 10.57
N ASP C 252 1.71 6.26 10.02
CA ASP C 252 2.68 5.49 10.80
C ASP C 252 3.55 6.45 11.60
N PHE C 253 3.78 6.13 12.87
CA PHE C 253 4.62 6.96 13.75
C PHE C 253 5.47 5.99 14.56
N SER C 254 6.60 5.56 14.00
CA SER C 254 7.40 4.48 14.56
C SER C 254 8.85 4.53 14.12
N GLY C 255 9.37 5.73 13.91
CA GLY C 255 10.77 5.89 13.59
C GLY C 255 11.18 5.35 12.25
N GLY C 256 10.24 5.22 11.32
CA GLY C 256 10.47 4.58 10.05
C GLY C 256 10.14 3.10 10.01
N TRP C 257 9.82 2.50 11.15
CA TRP C 257 9.63 1.05 11.20
C TRP C 257 8.50 0.60 10.29
N GLY C 258 7.45 1.42 10.17
CA GLY C 258 6.33 1.13 9.31
C GLY C 258 6.39 1.78 7.95
N ALA C 259 7.54 2.31 7.53
CA ALA C 259 7.66 2.93 6.22
C ALA C 259 7.51 1.90 5.11
N ASN D 3 -0.55 -41.50 -2.80
CA ASN D 3 -1.99 -41.29 -2.82
C ASN D 3 -2.29 -39.87 -3.30
N ARG D 4 -3.57 -39.54 -3.47
CA ARG D 4 -3.92 -38.23 -3.99
C ARG D 4 -3.89 -37.19 -2.87
N PRO D 5 -3.38 -36.00 -3.14
CA PRO D 5 -3.48 -34.91 -2.15
C PRO D 5 -4.93 -34.52 -1.96
N VAL D 6 -5.19 -33.82 -0.85
CA VAL D 6 -6.54 -33.55 -0.38
C VAL D 6 -6.75 -32.04 -0.30
N ALA D 7 -7.84 -31.56 -0.88
CA ALA D 7 -8.20 -30.15 -0.82
C ALA D 7 -9.54 -29.99 -0.13
N LEU D 8 -9.57 -29.13 0.89
CA LEU D 8 -10.80 -28.72 1.55
C LEU D 8 -11.28 -27.41 0.91
N ILE D 9 -12.58 -27.34 0.64
CA ILE D 9 -13.23 -26.14 0.10
C ILE D 9 -14.49 -25.88 0.88
N THR D 10 -14.66 -24.66 1.39
CA THR D 10 -15.85 -24.36 2.20
C THR D 10 -16.84 -23.47 1.44
N MET D 11 -18.07 -23.43 1.98
CA MET D 11 -19.18 -22.77 1.30
CA MET D 11 -19.20 -22.80 1.30
C MET D 11 -19.30 -23.27 -0.14
N ALA D 12 -19.03 -24.56 -0.34
CA ALA D 12 -18.74 -25.08 -1.68
C ALA D 12 -19.96 -25.37 -2.53
N THR D 13 -21.16 -25.15 -2.02
CA THR D 13 -22.37 -25.24 -2.82
C THR D 13 -22.65 -23.95 -3.59
N GLY D 14 -21.79 -22.94 -3.49
CA GLY D 14 -21.97 -21.72 -4.25
C GLY D 14 -20.64 -21.00 -4.41
N TYR D 15 -20.71 -19.83 -5.04
CA TYR D 15 -19.51 -18.99 -5.25
C TYR D 15 -18.49 -19.82 -6.04
N VAL D 16 -17.21 -19.78 -5.65
CA VAL D 16 -16.15 -20.40 -6.42
C VAL D 16 -16.08 -21.92 -6.22
N GLY D 17 -16.74 -22.43 -5.19
CA GLY D 17 -16.56 -23.79 -4.77
C GLY D 17 -16.72 -24.83 -5.86
N PRO D 18 -17.87 -24.80 -6.56
CA PRO D 18 -18.09 -25.86 -7.57
C PRO D 18 -17.04 -25.89 -8.67
N ALA D 19 -16.71 -24.72 -9.23
CA ALA D 19 -15.70 -24.67 -10.28
C ALA D 19 -14.32 -25.02 -9.74
N LEU D 20 -14.00 -24.58 -8.53
CA LEU D 20 -12.71 -24.94 -7.93
C LEU D 20 -12.63 -26.44 -7.68
N ALA D 21 -13.70 -27.04 -7.17
CA ALA D 21 -13.69 -28.49 -6.96
C ALA D 21 -13.40 -29.22 -8.27
N ARG D 22 -14.03 -28.77 -9.36
CA ARG D 22 -13.84 -29.43 -10.64
C ARG D 22 -12.37 -29.38 -11.06
N THR D 23 -11.75 -28.21 -11.02
CA THR D 23 -10.39 -28.13 -11.53
C THR D 23 -9.39 -28.78 -10.57
N MET D 24 -9.64 -28.73 -9.25
CA MET D 24 -8.77 -29.45 -8.33
C MET D 24 -8.86 -30.95 -8.54
N ALA D 25 -10.07 -31.47 -8.80
CA ALA D 25 -10.20 -32.88 -9.16
C ALA D 25 -9.40 -33.19 -10.41
N ASP D 26 -9.50 -32.32 -11.44
CA ASP D 26 -8.73 -32.49 -12.65
C ASP D 26 -7.24 -32.54 -12.35
N ARG D 27 -6.79 -31.74 -11.37
CA ARG D 27 -5.37 -31.66 -11.02
C ARG D 27 -4.92 -32.78 -10.09
N GLY D 28 -5.80 -33.74 -9.78
CA GLY D 28 -5.41 -34.93 -9.09
C GLY D 28 -5.75 -34.98 -7.61
N PHE D 29 -6.57 -34.07 -7.13
CA PHE D 29 -6.90 -34.02 -5.71
C PHE D 29 -8.16 -34.79 -5.41
N ASP D 30 -8.19 -35.38 -4.21
CA ASP D 30 -9.43 -35.72 -3.53
C ASP D 30 -9.96 -34.48 -2.81
N LEU D 31 -11.24 -34.51 -2.47
CA LEU D 31 -11.94 -33.29 -2.08
C LEU D 31 -12.77 -33.48 -0.83
N VAL D 32 -12.74 -32.47 0.03
CA VAL D 32 -13.69 -32.32 1.12
C VAL D 32 -14.46 -31.03 0.88
N LEU D 33 -15.77 -31.14 0.69
CA LEU D 33 -16.62 -30.00 0.38
C LEU D 33 -17.51 -29.70 1.58
N HIS D 34 -17.25 -28.58 2.23
CA HIS D 34 -18.18 -28.06 3.22
C HIS D 34 -19.19 -27.15 2.51
N GLY D 35 -20.44 -27.19 2.95
CA GLY D 35 -21.45 -26.37 2.30
C GLY D 35 -22.82 -26.59 2.88
N THR D 36 -23.83 -26.21 2.10
CA THR D 36 -25.22 -26.25 2.52
C THR D 36 -25.94 -27.45 1.92
N ALA D 37 -26.61 -28.23 2.77
CA ALA D 37 -27.35 -29.38 2.31
C ALA D 37 -28.58 -28.97 1.51
N GLY D 38 -28.97 -29.82 0.56
CA GLY D 38 -30.19 -29.64 -0.21
C GLY D 38 -29.92 -29.63 -1.71
N ASP D 39 -31.01 -29.51 -2.46
CA ASP D 39 -30.91 -29.43 -3.92
C ASP D 39 -30.86 -27.95 -4.34
N GLY D 40 -30.73 -27.73 -5.65
CA GLY D 40 -30.59 -26.38 -6.17
C GLY D 40 -31.72 -25.44 -5.81
N THR D 41 -32.84 -25.96 -5.32
CA THR D 41 -33.97 -25.10 -5.00
C THR D 41 -33.86 -24.44 -3.63
N MET D 42 -32.94 -24.89 -2.77
CA MET D 42 -32.74 -24.23 -1.49
C MET D 42 -32.21 -22.81 -1.72
N VAL D 43 -32.21 -22.02 -0.65
CA VAL D 43 -31.93 -20.59 -0.78
C VAL D 43 -30.48 -20.34 -1.18
N GLY D 44 -29.53 -20.95 -0.46
CA GLY D 44 -28.13 -20.68 -0.71
C GLY D 44 -27.48 -21.51 -1.79
N VAL D 45 -28.14 -22.56 -2.25
CA VAL D 45 -27.50 -23.62 -3.02
C VAL D 45 -27.50 -23.25 -4.50
N GLU D 46 -26.30 -23.08 -5.06
CA GLU D 46 -26.12 -22.84 -6.48
C GLU D 46 -25.79 -24.11 -7.24
N GLU D 47 -24.99 -25.00 -6.66
CA GLU D 47 -24.80 -26.35 -7.16
C GLU D 47 -24.84 -27.30 -5.98
N SER D 48 -25.83 -28.19 -5.95
CA SER D 48 -26.00 -29.09 -4.83
C SER D 48 -24.84 -30.07 -4.69
N PHE D 49 -24.62 -30.55 -3.47
CA PHE D 49 -23.67 -31.63 -3.26
C PHE D 49 -23.95 -32.78 -4.21
N ASP D 50 -25.22 -33.19 -4.29
CA ASP D 50 -25.64 -34.31 -5.13
C ASP D 50 -25.16 -34.13 -6.56
N SER D 51 -25.38 -32.96 -7.15
CA SER D 51 -24.97 -32.74 -8.53
C SER D 51 -23.46 -32.75 -8.69
N GLN D 52 -22.73 -32.25 -7.70
CA GLN D 52 -21.28 -32.20 -7.82
C GLN D 52 -20.61 -33.56 -7.64
N ILE D 53 -21.17 -34.42 -6.77
CA ILE D 53 -20.50 -35.68 -6.46
C ILE D 53 -20.38 -36.55 -7.71
N ALA D 54 -21.46 -36.61 -8.52
CA ALA D 54 -21.40 -37.43 -9.72
C ALA D 54 -20.28 -36.98 -10.63
N ASP D 55 -20.22 -35.67 -10.90
CA ASP D 55 -19.23 -35.14 -11.82
C ASP D 55 -17.82 -35.29 -11.28
N LEU D 56 -17.63 -35.01 -9.99
CA LEU D 56 -16.28 -35.05 -9.44
C LEU D 56 -15.74 -36.47 -9.39
N ALA D 57 -16.62 -37.44 -9.13
CA ALA D 57 -16.21 -38.84 -9.17
C ALA D 57 -15.74 -39.23 -10.56
N LYS D 58 -16.45 -38.78 -11.60
CA LYS D 58 -16.02 -39.04 -12.97
C LYS D 58 -14.64 -38.46 -13.24
N ARG D 59 -14.28 -37.37 -12.57
CA ARG D 59 -12.96 -36.77 -12.73
C ARG D 59 -11.89 -37.47 -11.92
N GLY D 60 -12.23 -38.49 -11.13
CA GLY D 60 -11.26 -39.26 -10.39
C GLY D 60 -11.17 -38.94 -8.91
N ALA D 61 -11.99 -38.02 -8.42
CA ALA D 61 -11.88 -37.57 -7.05
C ALA D 61 -12.79 -38.37 -6.14
N ASP D 62 -12.25 -38.78 -4.99
CA ASP D 62 -13.08 -39.15 -3.86
C ASP D 62 -13.55 -37.88 -3.18
N VAL D 63 -14.79 -37.88 -2.70
CA VAL D 63 -15.41 -36.68 -2.16
C VAL D 63 -16.01 -37.00 -0.79
N LEU D 64 -15.73 -36.14 0.18
CA LEU D 64 -16.40 -36.12 1.48
C LEU D 64 -17.13 -34.80 1.58
N THR D 65 -18.41 -34.83 1.95
CA THR D 65 -19.17 -33.60 2.14
C THR D 65 -19.44 -33.37 3.63
N ILE D 66 -19.41 -32.09 4.03
CA ILE D 66 -19.66 -31.68 5.41
C ILE D 66 -20.66 -30.53 5.34
N SER D 67 -21.81 -30.66 6.01
CA SER D 67 -22.83 -29.64 5.81
C SER D 67 -23.50 -29.13 7.07
N ASP D 68 -23.03 -29.50 8.26
CA ASP D 68 -23.76 -29.21 9.49
C ASP D 68 -22.88 -28.54 10.53
N VAL D 69 -22.00 -27.64 10.10
CA VAL D 69 -21.03 -27.02 11.01
C VAL D 69 -21.05 -25.51 10.87
N ASP D 70 -21.09 -24.81 12.00
CA ASP D 70 -21.00 -23.36 12.06
C ASP D 70 -19.52 -22.98 12.07
N LEU D 71 -19.07 -22.34 11.00
CA LEU D 71 -17.64 -22.05 10.84
C LEU D 71 -17.24 -20.72 11.47
N THR D 72 -18.12 -20.10 12.25
CA THR D 72 -17.74 -18.93 13.05
C THR D 72 -17.18 -19.32 14.42
N THR D 73 -17.06 -20.60 14.73
CA THR D 73 -16.64 -21.04 16.04
C THR D 73 -15.46 -22.01 15.94
N ARG D 74 -14.72 -22.12 17.05
CA ARG D 74 -13.66 -23.12 17.14
C ARG D 74 -14.21 -24.52 16.93
N THR D 75 -15.33 -24.84 17.58
CA THR D 75 -15.89 -26.19 17.52
C THR D 75 -16.19 -26.60 16.08
N GLY D 76 -16.83 -25.72 15.32
CA GLY D 76 -17.20 -26.07 13.95
C GLY D 76 -15.99 -26.34 13.09
N ASN D 77 -14.97 -25.47 13.18
CA ASN D 77 -13.79 -25.65 12.33
C ASN D 77 -12.95 -26.82 12.80
N GLN D 78 -12.77 -26.99 14.11
CA GLN D 78 -12.01 -28.12 14.60
C GLN D 78 -12.66 -29.44 14.20
N SER D 79 -14.00 -29.51 14.31
CA SER D 79 -14.70 -30.72 13.92
C SER D 79 -14.57 -30.98 12.42
N MET D 80 -14.63 -29.92 11.61
CA MET D 80 -14.47 -30.08 10.16
C MET D 80 -13.13 -30.72 9.83
N ILE D 81 -12.05 -30.18 10.40
CA ILE D 81 -10.73 -30.71 10.06
C ILE D 81 -10.54 -32.12 10.62
N GLU D 82 -11.11 -32.40 11.80
CA GLU D 82 -11.05 -33.77 12.32
C GLU D 82 -11.68 -34.75 11.34
N ARG D 83 -12.80 -34.37 10.72
CA ARG D 83 -13.43 -35.24 9.75
C ARG D 83 -12.62 -35.36 8.48
N VAL D 84 -11.93 -34.30 8.07
CA VAL D 84 -11.02 -34.40 6.93
C VAL D 84 -9.96 -35.47 7.19
N LEU D 85 -9.29 -35.38 8.35
CA LEU D 85 -8.17 -36.27 8.62
C LEU D 85 -8.64 -37.71 8.85
N GLU D 86 -9.80 -37.89 9.48
CA GLU D 86 -10.35 -39.21 9.65
C GLU D 86 -10.57 -39.90 8.29
N ARG D 87 -11.07 -39.15 7.31
CA ARG D 87 -11.43 -39.73 6.03
C ARG D 87 -10.20 -39.97 5.15
N PHE D 88 -9.29 -39.00 5.09
CA PHE D 88 -8.20 -39.02 4.14
C PHE D 88 -6.81 -39.04 4.77
N GLY D 89 -6.69 -38.74 6.06
CA GLY D 89 -5.42 -38.81 6.76
C GLY D 89 -4.47 -37.68 6.46
N ARG D 90 -4.88 -36.67 5.69
CA ARG D 90 -4.01 -35.60 5.29
C ARG D 90 -4.86 -34.40 4.89
N LEU D 91 -4.22 -33.23 4.85
CA LEU D 91 -4.85 -32.03 4.32
C LEU D 91 -3.75 -31.24 3.64
N ASP D 92 -3.78 -31.19 2.31
CA ASP D 92 -2.74 -30.50 1.57
C ASP D 92 -3.10 -29.07 1.22
N SER D 93 -4.36 -28.81 0.94
CA SER D 93 -4.79 -27.51 0.47
C SER D 93 -6.13 -27.19 1.12
N ALA D 94 -6.34 -25.91 1.38
CA ALA D 94 -7.59 -25.45 1.97
C ALA D 94 -7.99 -24.11 1.36
N CYS D 95 -9.23 -24.06 0.89
CA CYS D 95 -9.86 -22.84 0.37
C CYS D 95 -10.97 -22.49 1.34
N LEU D 96 -10.71 -21.48 2.18
CA LEU D 96 -11.64 -21.06 3.22
C LEU D 96 -12.42 -19.83 2.73
N VAL D 97 -13.68 -20.04 2.39
CA VAL D 97 -14.56 -18.94 1.99
C VAL D 97 -15.22 -18.40 3.24
N THR D 98 -15.12 -17.09 3.43
CA THR D 98 -15.55 -16.46 4.67
C THR D 98 -16.41 -15.25 4.36
N GLY D 99 -17.17 -14.85 5.37
CA GLY D 99 -17.77 -13.54 5.37
C GLY D 99 -19.26 -13.50 5.60
N LEU D 100 -19.73 -12.33 6.02
CA LEU D 100 -21.15 -12.03 6.15
CA LEU D 100 -21.14 -12.03 6.15
C LEU D 100 -21.35 -10.57 5.77
N ILE D 101 -22.18 -10.34 4.75
CA ILE D 101 -22.29 -9.00 4.16
C ILE D 101 -23.27 -8.15 4.95
N VAL D 102 -22.83 -6.95 5.32
CA VAL D 102 -23.66 -5.91 5.89
C VAL D 102 -23.20 -4.61 5.25
N THR D 103 -24.15 -3.77 4.82
CA THR D 103 -23.83 -2.46 4.28
C THR D 103 -24.78 -1.43 4.89
N GLY D 104 -24.42 -0.16 4.70
CA GLY D 104 -25.24 0.92 5.21
C GLY D 104 -24.40 2.00 5.87
N LYS D 105 -25.04 3.09 6.27
CA LYS D 105 -24.34 4.17 6.93
C LYS D 105 -23.71 3.68 8.22
N PHE D 106 -22.47 4.13 8.47
CA PHE D 106 -21.76 3.72 9.68
C PHE D 106 -22.58 4.02 10.94
N LEU D 107 -23.19 5.20 11.01
CA LEU D 107 -23.92 5.56 12.23
C LEU D 107 -25.25 4.84 12.36
N ASP D 108 -25.68 4.10 11.34
CA ASP D 108 -26.87 3.27 11.44
C ASP D 108 -26.58 1.85 11.91
N MET D 109 -25.30 1.46 11.97
CA MET D 109 -24.95 0.08 12.30
C MET D 109 -25.31 -0.22 13.75
N THR D 110 -25.99 -1.34 13.96
CA THR D 110 -26.39 -1.75 15.29
C THR D 110 -25.33 -2.66 15.90
N ASP D 111 -25.45 -2.91 17.19
CA ASP D 111 -24.57 -3.90 17.81
C ASP D 111 -24.72 -5.26 17.15
N ASP D 112 -25.93 -5.61 16.70
CA ASP D 112 -26.13 -6.92 16.07
C ASP D 112 -25.45 -7.00 14.71
N GLN D 113 -25.56 -5.94 13.90
CA GLN D 113 -24.83 -5.92 12.64
C GLN D 113 -23.33 -6.00 12.87
N TRP D 114 -22.84 -5.27 13.88
CA TRP D 114 -21.41 -5.29 14.21
C TRP D 114 -20.97 -6.68 14.65
N ALA D 115 -21.76 -7.31 15.52
CA ALA D 115 -21.44 -8.67 15.94
C ALA D 115 -21.38 -9.62 14.75
N LYS D 116 -22.35 -9.50 13.84
CA LYS D 116 -22.44 -10.44 12.73
C LYS D 116 -21.29 -10.29 11.75
N VAL D 117 -20.87 -9.06 11.45
CA VAL D 117 -19.78 -8.92 10.48
C VAL D 117 -18.47 -9.40 11.10
N LYS D 118 -18.28 -9.20 12.40
CA LYS D 118 -17.09 -9.76 13.04
C LYS D 118 -17.09 -11.28 12.97
N ALA D 119 -18.25 -11.90 13.20
CA ALA D 119 -18.33 -13.36 13.17
C ALA D 119 -18.03 -13.90 11.79
N GLY D 120 -18.63 -13.29 10.76
CA GLY D 120 -18.42 -13.78 9.41
C GLY D 120 -17.04 -13.43 8.85
N ASN D 121 -16.59 -12.19 9.04
CA ASN D 121 -15.38 -11.70 8.38
C ASN D 121 -14.11 -11.96 9.17
N LEU D 122 -14.19 -12.13 10.49
CA LEU D 122 -12.99 -12.34 11.30
C LEU D 122 -12.98 -13.68 12.01
N ASP D 123 -14.07 -14.05 12.72
CA ASP D 123 -14.06 -15.32 13.45
C ASP D 123 -13.87 -16.50 12.50
N MET D 124 -14.51 -16.47 11.32
CA MET D 124 -14.34 -17.58 10.38
C MET D 124 -12.88 -17.72 9.94
N VAL D 125 -12.15 -16.61 9.86
CA VAL D 125 -10.75 -16.64 9.44
C VAL D 125 -9.88 -17.16 10.57
N PHE D 126 -10.07 -16.60 11.78
CA PHE D 126 -9.28 -17.02 12.92
C PHE D 126 -9.45 -18.51 13.21
N HIS D 127 -10.69 -18.97 13.36
CA HIS D 127 -10.94 -20.36 13.70
C HIS D 127 -10.60 -21.28 12.53
N GLY D 128 -10.86 -20.83 11.31
CA GLY D 128 -10.55 -21.63 10.14
C GLY D 128 -9.06 -21.91 10.02
N LEU D 129 -8.24 -20.86 10.16
CA LEU D 129 -6.79 -21.06 10.03
C LEU D 129 -6.23 -21.85 11.20
N GLN D 130 -6.77 -21.65 12.41
CA GLN D 130 -6.30 -22.44 13.55
C GLN D 130 -6.58 -23.92 13.36
N ALA D 131 -7.63 -24.26 12.60
CA ALA D 131 -7.97 -25.65 12.39
C ALA D 131 -7.17 -26.27 11.24
N VAL D 132 -6.97 -25.53 10.14
CA VAL D 132 -6.34 -26.16 8.98
C VAL D 132 -4.82 -26.19 9.11
N LEU D 133 -4.21 -25.25 9.83
CA LEU D 133 -2.76 -25.17 9.78
C LEU D 133 -2.03 -26.32 10.49
N PRO D 134 -2.49 -26.82 11.64
CA PRO D 134 -1.70 -27.83 12.37
C PRO D 134 -1.33 -29.03 11.51
N PRO D 135 -2.27 -29.64 10.77
CA PRO D 135 -1.86 -30.79 9.94
C PRO D 135 -0.88 -30.40 8.84
N MET D 136 -1.00 -29.18 8.30
CA MET D 136 -0.05 -28.73 7.28
C MET D 136 1.34 -28.52 7.89
N VAL D 137 1.41 -27.88 9.05
CA VAL D 137 2.69 -27.70 9.72
C VAL D 137 3.33 -29.05 10.03
N ALA D 138 2.53 -29.98 10.54
CA ALA D 138 3.05 -31.30 10.88
C ALA D 138 3.60 -32.03 9.66
N ALA D 139 3.00 -31.79 8.49
CA ALA D 139 3.45 -32.42 7.26
C ALA D 139 4.60 -31.67 6.60
N GLY D 140 4.87 -30.44 7.02
CA GLY D 140 5.93 -29.67 6.41
C GLY D 140 5.59 -29.09 5.06
N ALA D 141 4.31 -29.01 4.72
CA ALA D 141 3.88 -28.47 3.43
C ALA D 141 2.38 -28.27 3.47
N GLY D 142 1.93 -27.16 2.89
CA GLY D 142 0.51 -26.91 2.77
C GLY D 142 0.27 -25.61 2.04
N GLN D 143 -0.94 -25.48 1.50
CA GLN D 143 -1.34 -24.29 0.77
C GLN D 143 -2.75 -23.89 1.15
N CYS D 144 -2.92 -22.63 1.52
CA CYS D 144 -4.23 -22.13 1.93
CA CYS D 144 -4.22 -22.10 1.95
C CYS D 144 -4.54 -20.82 1.21
N VAL D 145 -5.80 -20.70 0.79
CA VAL D 145 -6.36 -19.47 0.25
C VAL D 145 -7.57 -19.14 1.10
N VAL D 146 -7.58 -17.94 1.69
CA VAL D 146 -8.73 -17.40 2.40
C VAL D 146 -9.43 -16.40 1.49
N PHE D 147 -10.71 -16.60 1.24
CA PHE D 147 -11.47 -15.63 0.48
C PHE D 147 -12.02 -14.57 1.43
N THR D 148 -11.59 -13.33 1.23
CA THR D 148 -12.06 -12.19 2.01
C THR D 148 -12.97 -11.38 1.07
N SER D 149 -12.51 -10.22 0.61
CA SER D 149 -13.31 -9.36 -0.26
C SER D 149 -12.41 -8.30 -0.85
N ALA D 150 -12.70 -7.91 -2.10
CA ALA D 150 -11.98 -6.78 -2.67
C ALA D 150 -12.20 -5.52 -1.85
N THR D 151 -13.31 -5.43 -1.11
CA THR D 151 -13.54 -4.27 -0.27
C THR D 151 -12.45 -4.12 0.80
N GLY D 152 -11.80 -5.21 1.18
CA GLY D 152 -10.72 -5.14 2.15
C GLY D 152 -9.55 -4.31 1.69
N GLY D 153 -9.36 -4.21 0.37
CA GLY D 153 -8.32 -3.36 -0.21
C GLY D 153 -8.68 -1.90 -0.34
N ARG D 154 -9.95 -1.55 -0.15
CA ARG D 154 -10.42 -0.18 -0.28
C ARG D 154 -11.74 -0.04 0.49
N PRO D 155 -11.71 -0.12 1.82
CA PRO D 155 -12.96 0.02 2.59
C PRO D 155 -13.56 1.40 2.40
N ASP D 156 -14.79 1.43 1.89
CA ASP D 156 -15.39 2.66 1.39
C ASP D 156 -16.63 3.07 2.17
N PRO D 157 -17.08 4.31 1.99
CA PRO D 157 -18.36 4.72 2.59
C PRO D 157 -19.48 3.75 2.22
N MET D 158 -20.38 3.54 3.19
CA MET D 158 -21.49 2.60 3.14
C MET D 158 -21.06 1.15 3.28
N VAL D 159 -19.75 0.89 3.37
CA VAL D 159 -19.21 -0.46 3.54
C VAL D 159 -18.20 -0.44 4.69
N SER D 160 -18.42 0.39 5.69
CA SER D 160 -17.35 0.66 6.67
C SER D 160 -17.01 -0.59 7.48
N ILE D 161 -18.00 -1.20 8.12
CA ILE D 161 -17.66 -2.27 9.05
C ILE D 161 -17.39 -3.58 8.31
N TYR D 162 -18.04 -3.78 7.16
CA TYR D 162 -17.72 -4.94 6.32
C TYR D 162 -16.33 -4.80 5.72
N GLY D 163 -16.09 -3.74 4.96
CA GLY D 163 -14.80 -3.55 4.34
C GLY D 163 -13.67 -3.46 5.35
N GLY D 164 -13.92 -2.77 6.47
CA GLY D 164 -12.88 -2.66 7.48
C GLY D 164 -12.51 -3.99 8.08
N THR D 165 -13.50 -4.81 8.44
CA THR D 165 -13.15 -6.12 8.99
C THR D 165 -12.54 -7.02 7.93
N ARG D 166 -12.91 -6.85 6.65
CA ARG D 166 -12.21 -7.56 5.58
C ARG D 166 -10.73 -7.17 5.52
N ALA D 167 -10.42 -5.88 5.69
CA ALA D 167 -9.03 -5.45 5.76
C ALA D 167 -8.32 -6.11 6.93
N GLY D 168 -9.03 -6.28 8.05
CA GLY D 168 -8.45 -6.98 9.18
C GLY D 168 -8.17 -8.44 8.89
N ALA D 169 -9.07 -9.09 8.15
CA ALA D 169 -8.83 -10.47 7.77
C ALA D 169 -7.60 -10.57 6.88
N ASN D 170 -7.44 -9.64 5.95
CA ASN D 170 -6.25 -9.63 5.10
C ASN D 170 -5.00 -9.47 5.95
N GLY D 171 -5.07 -8.65 7.00
CA GLY D 171 -3.92 -8.47 7.87
C GLY D 171 -3.57 -9.72 8.65
N ILE D 172 -4.59 -10.42 9.17
CA ILE D 172 -4.35 -11.69 9.83
C ILE D 172 -3.66 -12.66 8.87
N VAL D 173 -4.15 -12.72 7.63
CA VAL D 173 -3.57 -13.62 6.63
C VAL D 173 -2.11 -13.25 6.37
N ARG D 174 -1.80 -11.96 6.27
CA ARG D 174 -0.41 -11.56 6.08
C ARG D 174 0.46 -12.12 7.19
N ALA D 175 0.09 -11.86 8.44
CA ALA D 175 0.91 -12.30 9.57
C ALA D 175 1.02 -13.82 9.60
N VAL D 176 -0.10 -14.51 9.39
CA VAL D 176 -0.11 -15.97 9.51
C VAL D 176 0.65 -16.60 8.35
N GLY D 177 0.49 -16.06 7.15
CA GLY D 177 1.26 -16.54 6.00
C GLY D 177 2.75 -16.36 6.17
N LEU D 178 3.18 -15.25 6.76
CA LEU D 178 4.60 -15.08 7.06
C LEU D 178 5.06 -15.96 8.21
N GLU D 179 4.18 -16.20 9.18
CA GLU D 179 4.57 -16.90 10.39
C GLU D 179 4.77 -18.39 10.15
N HIS D 180 4.05 -18.98 9.19
CA HIS D 180 4.17 -20.41 8.95
C HIS D 180 4.92 -20.72 7.68
N ALA D 181 5.49 -19.70 7.04
CA ALA D 181 6.31 -19.92 5.84
C ALA D 181 7.48 -20.84 6.12
N ARG D 182 8.11 -20.72 7.30
CA ARG D 182 9.27 -21.54 7.59
C ARG D 182 8.92 -23.02 7.68
N HIS D 183 7.63 -23.34 7.85
CA HIS D 183 7.16 -24.73 7.87
C HIS D 183 6.74 -25.23 6.50
N GLY D 184 7.00 -24.46 5.43
CA GLY D 184 6.58 -24.89 4.11
C GLY D 184 5.12 -24.67 3.83
N VAL D 185 4.46 -23.82 4.59
CA VAL D 185 3.03 -23.60 4.47
C VAL D 185 2.81 -22.20 3.90
N GLN D 186 1.96 -22.10 2.89
CA GLN D 186 1.56 -20.83 2.31
C GLN D 186 0.15 -20.49 2.75
N VAL D 187 -0.07 -19.22 3.09
CA VAL D 187 -1.41 -18.71 3.35
C VAL D 187 -1.56 -17.38 2.63
N ASN D 188 -2.51 -17.29 1.70
CA ASN D 188 -2.76 -16.09 0.93
C ASN D 188 -4.25 -15.79 0.98
N ALA D 189 -4.62 -14.56 0.65
CA ALA D 189 -6.01 -14.15 0.60
C ALA D 189 -6.34 -13.68 -0.81
N ILE D 190 -7.57 -13.93 -1.25
CA ILE D 190 -8.11 -13.39 -2.49
C ILE D 190 -9.38 -12.63 -2.14
N GLY D 191 -9.52 -11.42 -2.67
CA GLY D 191 -10.73 -10.67 -2.46
C GLY D 191 -11.37 -10.28 -3.78
N THR D 192 -12.61 -10.69 -3.98
CA THR D 192 -13.29 -10.42 -5.24
C THR D 192 -14.36 -9.36 -5.09
N ASN D 193 -14.81 -8.88 -6.25
CA ASN D 193 -16.01 -8.07 -6.41
C ASN D 193 -16.42 -8.26 -7.85
N TYR D 194 -17.68 -7.94 -8.15
CA TYR D 194 -18.19 -7.96 -9.53
C TYR D 194 -18.00 -9.33 -10.18
N MET D 195 -18.31 -10.39 -9.43
CA MET D 195 -18.22 -11.74 -9.94
C MET D 195 -19.57 -12.23 -10.47
N ASP D 196 -19.50 -12.98 -11.57
CA ASP D 196 -20.65 -13.57 -12.23
C ASP D 196 -21.00 -14.89 -11.55
N PHE D 197 -21.76 -14.79 -10.46
CA PHE D 197 -22.37 -15.97 -9.84
C PHE D 197 -23.73 -15.57 -9.31
N PRO D 198 -24.63 -16.53 -9.13
CA PRO D 198 -26.02 -16.16 -8.80
C PRO D 198 -26.14 -15.22 -7.62
N GLY D 199 -25.34 -15.42 -6.58
CA GLY D 199 -25.45 -14.57 -5.40
C GLY D 199 -25.28 -13.10 -5.72
N PHE D 200 -24.22 -12.76 -6.47
CA PHE D 200 -23.97 -11.37 -6.81
C PHE D 200 -24.97 -10.87 -7.85
N LEU D 201 -25.31 -11.71 -8.84
CA LEU D 201 -26.27 -11.29 -9.85
C LEU D 201 -27.61 -10.92 -9.23
N LYS D 202 -28.06 -11.72 -8.26
CA LYS D 202 -29.35 -11.45 -7.65
C LYS D 202 -29.29 -10.24 -6.72
N ALA D 203 -28.21 -10.12 -5.93
CA ALA D 203 -28.08 -9.02 -4.99
C ALA D 203 -27.94 -7.68 -5.71
N SER D 204 -27.28 -7.67 -6.87
CA SER D 204 -27.10 -6.46 -7.66
C SER D 204 -28.26 -6.19 -8.62
N ARG D 205 -29.23 -7.12 -8.70
CA ARG D 205 -30.36 -7.06 -9.63
C ARG D 205 -29.92 -7.14 -11.09
N ALA D 206 -28.69 -7.60 -11.34
CA ALA D 206 -28.27 -7.89 -12.70
C ALA D 206 -28.88 -9.18 -13.23
N ASP D 207 -29.35 -10.06 -12.37
CA ASP D 207 -29.88 -11.34 -12.81
C ASP D 207 -31.09 -11.15 -13.72
N GLY D 208 -31.01 -11.72 -14.93
CA GLY D 208 -32.09 -11.63 -15.89
C GLY D 208 -32.38 -10.24 -16.42
N ASP D 209 -31.46 -9.30 -16.20
CA ASP D 209 -31.71 -7.88 -16.48
C ASP D 209 -30.52 -7.33 -17.25
N PRO D 210 -30.54 -7.41 -18.59
CA PRO D 210 -29.35 -6.98 -19.34
C PRO D 210 -28.99 -5.52 -19.16
N GLU D 211 -29.98 -4.62 -19.10
CA GLU D 211 -29.66 -3.20 -18.92
C GLU D 211 -28.98 -2.97 -17.58
N ARG D 212 -29.52 -3.56 -16.51
CA ARG D 212 -28.89 -3.42 -15.20
C ARG D 212 -27.51 -4.05 -15.17
N ARG D 213 -27.35 -5.21 -15.82
CA ARG D 213 -26.03 -5.83 -15.88
C ARG D 213 -25.03 -4.91 -16.57
N ALA D 214 -25.43 -4.26 -17.67
CA ALA D 214 -24.51 -3.36 -18.35
C ALA D 214 -24.11 -2.19 -17.45
N MET D 215 -25.05 -1.68 -16.67
CA MET D 215 -24.76 -0.59 -15.75
C MET D 215 -23.76 -1.03 -14.69
N ILE D 216 -23.93 -2.25 -14.16
CA ILE D 216 -23.01 -2.77 -13.15
C ILE D 216 -21.62 -3.00 -13.74
N GLU D 217 -21.56 -3.59 -14.94
CA GLU D 217 -20.28 -3.80 -15.62
C GLU D 217 -19.54 -2.49 -15.85
N ALA D 218 -20.27 -1.40 -16.09
CA ALA D 218 -19.64 -0.10 -16.32
C ALA D 218 -18.87 0.41 -15.11
N GLN D 219 -19.07 -0.16 -13.93
CA GLN D 219 -18.31 0.21 -12.73
C GLN D 219 -16.95 -0.46 -12.68
N VAL D 220 -16.68 -1.38 -13.58
CA VAL D 220 -15.51 -2.25 -13.56
C VAL D 220 -14.54 -1.77 -14.63
N PRO D 221 -13.25 -1.56 -14.31
CA PRO D 221 -12.34 -1.14 -15.38
C PRO D 221 -12.38 -2.05 -16.61
N LEU D 222 -12.37 -3.38 -16.41
CA LEU D 222 -12.41 -4.31 -17.53
C LEU D 222 -13.80 -4.50 -18.11
N ARG D 223 -14.82 -3.84 -17.57
CA ARG D 223 -16.12 -3.72 -18.23
CA ARG D 223 -16.13 -3.72 -18.22
C ARG D 223 -16.78 -5.08 -18.44
N ARG D 224 -16.70 -5.94 -17.43
CA ARG D 224 -17.30 -7.26 -17.45
C ARG D 224 -17.39 -7.74 -16.01
N LEU D 225 -18.13 -8.83 -15.81
CA LEU D 225 -18.11 -9.56 -14.55
C LEU D 225 -17.20 -10.78 -14.69
N GLY D 226 -16.42 -11.06 -13.65
CA GLY D 226 -15.50 -12.17 -13.70
C GLY D 226 -16.21 -13.51 -13.59
N THR D 227 -15.68 -14.51 -14.29
CA THR D 227 -16.33 -15.82 -14.25
C THR D 227 -15.67 -16.72 -13.20
N MET D 228 -16.45 -17.71 -12.74
CA MET D 228 -15.95 -18.64 -11.74
CA MET D 228 -15.96 -18.64 -11.74
C MET D 228 -14.88 -19.55 -12.32
N ASP D 229 -14.91 -19.80 -13.63
CA ASP D 229 -13.82 -20.57 -14.21
C ASP D 229 -12.51 -19.79 -14.12
N GLU D 230 -12.55 -18.48 -14.36
CA GLU D 230 -11.35 -17.65 -14.21
C GLU D 230 -10.86 -17.63 -12.77
N LEU D 231 -11.78 -17.36 -11.85
CA LEU D 231 -11.38 -17.30 -10.44
C LEU D 231 -10.88 -18.65 -9.95
N SER D 232 -11.53 -19.74 -10.36
CA SER D 232 -11.06 -21.06 -9.93
C SER D 232 -9.68 -21.38 -10.49
N SER D 233 -9.37 -20.88 -11.69
CA SER D 233 -8.03 -21.10 -12.26
C SER D 233 -6.96 -20.39 -11.41
N VAL D 234 -7.21 -19.13 -11.06
CA VAL D 234 -6.26 -18.39 -10.24
C VAL D 234 -6.14 -19.01 -8.85
N THR D 235 -7.26 -19.41 -8.26
CA THR D 235 -7.25 -19.98 -6.92
C THR D 235 -6.53 -21.32 -6.92
N ALA D 236 -6.83 -22.18 -7.89
CA ALA D 236 -6.16 -23.48 -7.96
C ALA D 236 -4.65 -23.33 -8.16
N GLY D 237 -4.22 -22.28 -8.87
CA GLY D 237 -2.80 -22.03 -9.02
C GLY D 237 -2.07 -21.74 -7.72
N LEU D 238 -2.81 -21.38 -6.67
CA LEU D 238 -2.27 -21.17 -5.35
C LEU D 238 -2.51 -22.35 -4.42
N LEU D 239 -3.07 -23.45 -4.94
CA LEU D 239 -3.44 -24.60 -4.14
C LEU D 239 -2.98 -25.93 -4.73
N ASP D 240 -2.34 -25.93 -5.89
CA ASP D 240 -2.07 -27.17 -6.61
C ASP D 240 -0.60 -27.55 -6.63
N GLY D 241 0.23 -26.88 -5.84
CA GLY D 241 1.64 -27.20 -5.77
C GLY D 241 2.50 -26.60 -6.86
N SER D 242 1.91 -25.93 -7.84
CA SER D 242 2.67 -25.39 -8.96
C SER D 242 3.42 -24.12 -8.59
N ASN D 243 3.01 -23.44 -7.53
CA ASN D 243 3.58 -22.16 -7.14
C ASN D 243 3.71 -22.18 -5.62
N ARG D 244 4.92 -22.40 -5.13
CA ARG D 244 5.17 -22.42 -3.70
C ARG D 244 6.04 -21.23 -3.30
N PHE D 245 5.84 -20.08 -3.94
CA PHE D 245 6.72 -18.94 -3.68
C PHE D 245 5.97 -17.64 -3.41
N GLN D 246 4.69 -17.72 -3.02
CA GLN D 246 3.94 -16.57 -2.54
C GLN D 246 3.24 -16.93 -1.24
N THR D 247 3.32 -16.05 -0.25
CA THR D 247 2.65 -16.29 1.02
C THR D 247 2.48 -14.97 1.75
N GLY D 248 1.45 -14.90 2.59
CA GLY D 248 1.15 -13.67 3.31
C GLY D 248 0.59 -12.56 2.46
N GLN D 249 0.10 -12.87 1.27
CA GLN D 249 -0.23 -11.86 0.28
C GLN D 249 -1.73 -11.82 0.05
N PHE D 250 -2.19 -10.66 -0.42
CA PHE D 250 -3.58 -10.41 -0.76
C PHE D 250 -3.68 -10.06 -2.24
N PHE D 251 -4.56 -10.77 -2.95
CA PHE D 251 -4.74 -10.58 -4.38
C PHE D 251 -6.15 -10.08 -4.66
N ASP D 252 -6.24 -8.88 -5.22
CA ASP D 252 -7.49 -8.28 -5.67
C ASP D 252 -7.93 -8.98 -6.95
N PHE D 253 -9.20 -9.34 -7.05
CA PHE D 253 -9.73 -10.04 -8.22
C PHE D 253 -11.11 -9.41 -8.49
N SER D 254 -11.10 -8.26 -9.17
CA SER D 254 -12.29 -7.44 -9.32
C SER D 254 -12.24 -6.61 -10.60
N GLY D 255 -11.56 -7.11 -11.63
CA GLY D 255 -11.55 -6.44 -12.91
C GLY D 255 -10.81 -5.13 -12.91
N GLY D 256 -9.92 -4.93 -11.94
CA GLY D 256 -9.21 -3.68 -11.76
C GLY D 256 -9.83 -2.76 -10.74
N TRP D 257 -11.01 -3.10 -10.22
CA TRP D 257 -11.71 -2.19 -9.32
C TRP D 257 -10.90 -1.91 -8.06
N GLY D 258 -10.15 -2.90 -7.58
CA GLY D 258 -9.30 -2.74 -6.41
C GLY D 258 -7.85 -2.44 -6.70
N ALA D 259 -7.50 -2.07 -7.92
CA ALA D 259 -6.12 -1.79 -8.29
C ALA D 259 -5.62 -0.52 -7.61
O6 BU3 E . 4.85 20.35 -8.77
C3 BU3 E . 4.72 20.83 -7.43
C4 BU3 E . 4.54 19.69 -6.46
C2 BU3 E . 3.53 21.80 -7.40
O5 BU3 E . 2.41 21.17 -8.03
C1 BU3 E . 3.88 23.08 -8.12
HO6 BU3 E . 5.77 20.04 -8.91
H3 BU3 E . 5.67 21.33 -7.22
H41 BU3 E . 3.65 19.09 -6.71
H42 BU3 E . 5.39 19.00 -6.47
H43 BU3 E . 4.41 20.03 -5.44
H2 BU3 E . 3.17 21.98 -6.38
HO5 BU3 E . 1.59 21.46 -7.57
H11 BU3 E . 4.77 23.55 -7.70
H12 BU3 E . 4.08 22.91 -9.17
H13 BU3 E . 3.08 23.82 -8.06
CL CL F . -1.97 20.35 -6.04
O6 BU3 G . 15.95 -9.52 -12.91
C3 BU3 G . 15.47 -9.81 -14.22
C4 BU3 G . 16.64 -10.17 -15.12
C2 BU3 G . 14.73 -8.57 -14.77
O5 BU3 G . 15.59 -7.44 -14.57
C1 BU3 G . 13.40 -8.33 -14.09
HO6 BU3 G . 15.95 -10.37 -12.39
H3 BU3 G . 14.78 -10.65 -14.07
H41 BU3 G . 17.15 -11.05 -14.77
H42 BU3 G . 16.31 -10.36 -16.15
H43 BU3 G . 17.37 -9.37 -15.16
H2 BU3 G . 14.60 -8.63 -15.85
HO5 BU3 G . 15.37 -6.76 -15.24
H11 BU3 G . 12.74 -9.19 -14.20
H12 BU3 G . 12.87 -7.47 -14.51
H13 BU3 G . 13.52 -8.15 -13.02
CL CL H . 15.00 -12.10 -8.94
O6 BU3 I . -0.36 1.48 23.17
C3 BU3 I . -1.26 2.55 23.50
C4 BU3 I . -1.53 2.54 24.99
C2 BU3 I . -2.56 2.35 22.68
O5 BU3 I . -2.92 0.97 22.73
C1 BU3 I . -2.37 2.79 21.25
HO6 BU3 I . 0.56 1.84 23.21
H3 BU3 I . -0.73 3.46 23.20
H41 BU3 I . -0.63 2.71 25.57
H42 BU3 I . -2.25 3.32 25.27
H43 BU3 I . -1.96 1.60 25.32
H2 BU3 I . -3.39 2.86 23.15
HO5 BU3 I . -3.90 0.90 22.65
H11 BU3 I . -2.10 3.85 21.18
H12 BU3 I . -3.27 2.65 20.66
H13 BU3 I . -1.58 2.24 20.75
O6 BU3 J . 7.66 -3.70 19.32
C3 BU3 J . 6.37 -4.22 19.68
C4 BU3 J . 6.43 -4.82 21.07
C2 BU3 J . 5.91 -5.26 18.64
O5 BU3 J . 6.17 -4.79 17.31
C1 BU3 J . 4.43 -5.54 18.81
HO6 BU3 J . 7.55 -2.77 19.02
H3 BU3 J . 5.73 -3.34 19.66
H41 BU3 J . 6.89 -4.13 21.79
H42 BU3 J . 5.44 -5.06 21.46
H43 BU3 J . 7.01 -5.74 21.09
H2 BU3 J . 6.52 -6.16 18.66
HO5 BU3 J . 6.56 -5.54 16.79
H11 BU3 J . 4.24 -6.09 19.74
H12 BU3 J . 4.03 -6.15 18.00
H13 BU3 J . 3.84 -4.63 18.86
CL CL K . 3.99 2.34 20.92
O6 BU3 L . -18.39 -14.08 1.18
C3 BU3 L . -17.78 -14.64 0.01
C4 BU3 L . -16.41 -14.03 -0.19
C2 BU3 L . -18.71 -14.35 -1.20
O5 BU3 L . -18.75 -12.95 -1.45
C1 BU3 L . -20.10 -14.86 -0.88
HO6 BU3 L . -18.08 -14.59 1.97
H3 BU3 L . -17.70 -15.70 0.22
H41 BU3 L . -16.44 -12.94 -0.20
H42 BU3 L . -15.72 -14.33 0.60
H43 BU3 L . -15.96 -14.34 -1.13
H2 BU3 L . -18.32 -14.77 -2.12
HO5 BU3 L . -18.93 -12.81 -2.41
H11 BU3 L . -20.09 -15.91 -0.60
H12 BU3 L . -20.76 -14.78 -1.75
H13 BU3 L . -20.57 -14.31 -0.07
CL CL M . -17.87 -10.95 -5.70
#